data_5UIN
#
_entry.id   5UIN
#
_cell.length_a   72.467
_cell.length_b   59.457
_cell.length_c   107.599
_cell.angle_alpha   90.00
_cell.angle_beta   96.25
_cell.angle_gamma   90.00
#
_symmetry.space_group_name_H-M   'P 1 21 1'
#
loop_
_entity.id
_entity.type
_entity.pdbx_description
1 polymer Formyltransferase
2 non-polymer "THYMIDINE-5'-DIPHOSPHATE"
3 non-polymer 'CHLORIDE ION'
4 non-polymer 'N-{[4-({[(6R)-2-amino-5-formyl-4-oxo-1,4,5,6,7,8-hexahydropteridin-6-yl]methyl}amino)phenyl]carbonyl}-L-glutamic acid'
5 non-polymer 'SODIUM ION'
6 water water
#
_entity_poly.entity_id   1
_entity_poly.type   'polypeptide(L)'
_entity_poly.pdbx_seq_one_letter_code
;GGGGGGHMKIIIAGKNDIAVNVTRWLQKKKKNIEIYAICNANDTGIDTFQRSFKKYCKDNLIPIISLAEAYKIDDAIFLS
LEFDKIVQPSKFNHNELFNIHFSYLPKYKGMYTSAWPILNGEDTSGVTLHKIDHGIDTGAIIAQKEIIIQPFETAKDLYE
KYISEGTSLVIDNISTLLNSEYVEKEQNIKYSSYYSKKTIDYSNLELNFSKTAFEIINQLRAFTFREYQLPKLDGVNIFL
GDVLSSRSIMKPGSILERNDKEIIVSTIDYDVVLYKDNFKEILEACKYSDSKYIAKLIRAKSILFEKNIYGASPVIVAAY
HGNIELIKWLVSKGANINDRNYKGTTVAMYFKDYMLKSGDYSGLKMLIDLGLDLTLTDYKDYTVFDYLEKSGNKNLLQYM
MAFMK
;
_entity_poly.pdbx_strand_id   A,B
#
# COMPACT_ATOMS: atom_id res chain seq x y z
N HIS A 7 -6.18 41.80 22.25
CA HIS A 7 -6.54 42.22 20.86
C HIS A 7 -6.37 41.19 19.76
N MET A 8 -6.05 39.95 20.07
CA MET A 8 -5.86 38.93 19.02
C MET A 8 -7.20 38.40 18.57
N LYS A 9 -7.23 37.86 17.37
CA LYS A 9 -8.43 37.24 16.84
C LYS A 9 -8.07 35.91 16.20
N ILE A 10 -9.01 34.98 16.25
CA ILE A 10 -8.76 33.69 15.66
C ILE A 10 -10.01 33.23 14.95
N ILE A 11 -9.83 32.59 13.79
CA ILE A 11 -10.95 32.02 13.02
C ILE A 11 -10.76 30.52 13.07
N ILE A 12 -11.78 29.84 13.62
CA ILE A 12 -11.79 28.39 13.75
C ILE A 12 -12.78 27.86 12.72
N ALA A 13 -12.28 27.02 11.81
CA ALA A 13 -13.06 26.60 10.66
C ALA A 13 -13.04 25.11 10.65
N GLY A 14 -14.23 24.54 10.88
CA GLY A 14 -14.40 23.11 10.75
C GLY A 14 -15.52 22.52 11.56
N LYS A 15 -15.30 21.35 12.13
CA LYS A 15 -16.39 20.51 12.63
C LYS A 15 -15.99 19.58 13.75
N ASN A 16 -16.99 18.91 14.33
CA ASN A 16 -16.79 17.81 15.29
C ASN A 16 -16.07 18.21 16.58
N ASP A 17 -15.64 17.23 17.37
CA ASP A 17 -15.18 17.51 18.72
C ASP A 17 -13.87 18.28 18.75
N ILE A 18 -13.08 18.15 17.69
CA ILE A 18 -11.85 18.92 17.59
C ILE A 18 -12.15 20.40 17.49
N ALA A 19 -13.09 20.78 16.62
CA ALA A 19 -13.44 22.19 16.58
C ALA A 19 -14.05 22.67 17.91
N VAL A 20 -14.93 21.84 18.46
CA VAL A 20 -15.62 22.19 19.69
C VAL A 20 -14.66 22.33 20.85
N ASN A 21 -13.74 21.40 21.03
CA ASN A 21 -12.87 21.40 22.20
C ASN A 21 -11.68 22.29 22.08
N VAL A 22 -11.26 22.56 20.88
CA VAL A 22 -10.28 23.60 20.70
C VAL A 22 -10.94 24.93 21.03
N THR A 23 -12.11 25.18 20.49
CA THR A 23 -12.82 26.44 20.80
C THR A 23 -13.14 26.56 22.29
N ARG A 24 -13.55 25.47 22.90
CA ARG A 24 -13.79 25.52 24.35
C ARG A 24 -12.54 25.97 25.12
N TRP A 25 -11.41 25.37 24.77
CA TRP A 25 -10.18 25.68 25.43
C TRP A 25 -9.94 27.19 25.30
N LEU A 26 -10.05 27.71 24.08
CA LEU A 26 -9.86 29.11 23.84
C LEU A 26 -10.72 30.02 24.72
N GLN A 27 -11.98 29.64 24.93
CA GLN A 27 -12.87 30.45 25.75
C GLN A 27 -12.46 30.40 27.20
N LYS A 28 -12.06 29.24 27.70
CA LYS A 28 -11.59 29.05 29.07
C LYS A 28 -10.24 29.69 29.33
N LYS A 29 -9.23 29.39 28.51
CA LYS A 29 -7.86 29.79 28.77
C LYS A 29 -7.43 31.03 28.01
N LYS A 30 -8.22 31.48 27.03
CA LYS A 30 -7.86 32.61 26.15
C LYS A 30 -9.04 33.56 25.99
N LYS A 31 -9.81 33.72 27.06
CA LYS A 31 -11.07 34.49 27.11
C LYS A 31 -10.94 35.82 26.36
N ASN A 32 -9.78 36.43 26.56
CA ASN A 32 -9.30 37.61 25.87
C ASN A 32 -9.46 37.62 24.32
N ILE A 33 -9.30 36.47 23.64
CA ILE A 33 -9.20 36.41 22.17
C ILE A 33 -10.58 36.41 21.53
N GLU A 34 -10.83 37.21 20.51
CA GLU A 34 -12.05 37.10 19.75
C GLU A 34 -12.03 35.90 18.79
N ILE A 35 -13.12 35.14 18.82
CA ILE A 35 -13.28 33.97 17.98
C ILE A 35 -14.36 34.19 16.95
N TYR A 36 -14.06 33.82 15.71
CA TYR A 36 -15.04 33.69 14.62
C TYR A 36 -14.98 32.26 14.14
N ALA A 37 -16.14 31.75 13.75
CA ALA A 37 -16.32 30.36 13.44
C ALA A 37 -16.77 30.21 12.00
N ILE A 38 -16.17 29.24 11.32
CA ILE A 38 -16.74 28.74 10.07
C ILE A 38 -17.06 27.27 10.24
N CYS A 39 -18.19 26.87 9.67
CA CYS A 39 -18.78 25.53 9.78
C CYS A 39 -18.83 24.84 8.43
N ASN A 40 -18.83 23.52 8.45
CA ASN A 40 -18.94 22.70 7.26
C ASN A 40 -20.35 22.58 6.73
N ALA A 41 -20.47 22.29 5.44
CA ALA A 41 -21.77 22.25 4.73
C ALA A 41 -22.77 21.26 5.33
N ASN A 42 -22.26 20.17 5.88
CA ASN A 42 -23.09 19.12 6.44
C ASN A 42 -23.22 19.13 7.97
N ASP A 43 -22.82 20.23 8.62
CA ASP A 43 -23.15 20.45 10.01
C ASP A 43 -24.62 20.90 10.03
N THR A 44 -25.46 20.11 10.69
CA THR A 44 -26.90 20.33 10.67
C THR A 44 -27.34 21.10 11.90
N GLY A 45 -26.41 21.37 12.82
CA GLY A 45 -26.72 21.99 14.11
C GLY A 45 -27.24 21.04 15.18
N ILE A 46 -27.10 19.73 14.94
CA ILE A 46 -27.57 18.68 15.84
C ILE A 46 -26.35 17.86 16.22
N ASP A 47 -26.19 17.65 17.52
CA ASP A 47 -25.13 16.79 18.04
C ASP A 47 -25.27 15.31 17.65
N THR A 48 -24.52 14.82 16.67
CA THR A 48 -24.47 13.38 16.34
C THR A 48 -23.39 12.70 17.16
N PHE A 49 -22.76 11.63 16.66
CA PHE A 49 -21.61 10.97 17.34
C PHE A 49 -20.42 11.89 17.58
N GLN A 50 -20.32 12.96 16.78
CA GLN A 50 -19.48 14.11 17.10
C GLN A 50 -20.45 15.23 17.39
N ARG A 51 -20.01 16.12 18.26
CA ARG A 51 -20.71 17.37 18.53
C ARG A 51 -20.85 18.25 17.30
N SER A 52 -21.97 18.97 17.24
CA SER A 52 -22.17 19.99 16.21
C SER A 52 -21.46 21.24 16.64
N PHE A 53 -20.44 21.61 15.85
CA PHE A 53 -19.76 22.87 16.06
C PHE A 53 -20.68 24.11 15.85
N LYS A 54 -21.57 24.03 14.86
CA LYS A 54 -22.55 25.06 14.58
C LYS A 54 -23.42 25.29 15.82
N LYS A 55 -23.91 24.19 16.39
CA LYS A 55 -24.71 24.22 17.61
C LYS A 55 -23.91 24.82 18.76
N TYR A 56 -22.68 24.36 18.97
CA TYR A 56 -21.83 24.93 20.00
C TYR A 56 -21.72 26.43 19.81
N CYS A 57 -21.34 26.86 18.61
CA CYS A 57 -21.15 28.29 18.42
C CYS A 57 -22.42 29.13 18.68
N LYS A 58 -23.59 28.65 18.25
CA LYS A 58 -24.81 29.39 18.49
C LYS A 58 -25.10 29.45 19.98
N ASP A 59 -24.91 28.35 20.69
CA ASP A 59 -25.23 28.32 22.11
C ASP A 59 -24.28 29.16 22.92
N ASN A 60 -23.10 29.46 22.37
CA ASN A 60 -22.14 30.28 23.05
C ASN A 60 -21.94 31.67 22.48
N LEU A 61 -22.85 32.08 21.61
CA LEU A 61 -22.74 33.40 21.01
C LEU A 61 -21.40 33.66 20.28
N ILE A 62 -20.87 32.63 19.65
CA ILE A 62 -19.67 32.80 18.84
C ILE A 62 -20.19 33.05 17.43
N PRO A 63 -19.81 34.17 16.82
CA PRO A 63 -20.29 34.48 15.49
C PRO A 63 -19.81 33.53 14.38
N ILE A 64 -20.78 33.08 13.59
CA ILE A 64 -20.53 32.24 12.44
C ILE A 64 -20.44 33.08 11.15
N ILE A 65 -19.28 33.03 10.52
CA ILE A 65 -19.02 33.77 9.31
C ILE A 65 -18.76 32.80 8.17
N SER A 66 -18.66 33.35 6.98
CA SER A 66 -18.23 32.60 5.81
C SER A 66 -16.72 32.66 5.54
N LEU A 67 -16.23 31.80 4.67
CA LEU A 67 -14.87 31.87 4.22
C LEU A 67 -14.58 33.15 3.46
N ALA A 68 -15.53 33.56 2.62
CA ALA A 68 -15.48 34.89 1.94
C ALA A 68 -15.10 36.00 2.94
N GLU A 69 -15.83 36.07 4.05
CA GLU A 69 -15.62 37.12 5.05
C GLU A 69 -14.29 36.92 5.79
N ALA A 70 -13.94 35.67 6.06
CA ALA A 70 -12.68 35.33 6.70
C ALA A 70 -11.46 35.83 5.94
N TYR A 71 -11.49 35.72 4.62
CA TYR A 71 -10.40 36.29 3.81
C TYR A 71 -10.03 37.77 4.08
N LYS A 72 -10.99 38.54 4.61
CA LYS A 72 -10.85 40.00 4.79
C LYS A 72 -10.52 40.44 6.19
N ILE A 73 -10.31 39.53 7.12
CA ILE A 73 -9.97 39.90 8.50
C ILE A 73 -8.45 39.86 8.61
N ASP A 74 -7.75 40.99 8.60
CA ASP A 74 -6.27 40.98 8.48
C ASP A 74 -5.50 40.62 9.76
N ASP A 75 -6.12 40.96 10.87
CA ASP A 75 -5.52 40.82 12.18
C ASP A 75 -5.88 39.47 12.86
N ALA A 76 -6.32 38.46 12.11
CA ALA A 76 -6.68 37.14 12.69
C ALA A 76 -5.72 36.05 12.20
N ILE A 77 -5.55 35.04 13.05
CA ILE A 77 -4.98 33.72 12.73
C ILE A 77 -6.13 32.91 12.15
N PHE A 78 -5.82 32.01 11.21
CA PHE A 78 -6.79 31.07 10.62
C PHE A 78 -6.39 29.64 10.91
N LEU A 79 -7.30 28.89 11.52
CA LEU A 79 -7.03 27.51 11.95
C LEU A 79 -8.17 26.60 11.54
N SER A 80 -7.83 25.63 10.72
CA SER A 80 -8.77 24.75 10.06
C SER A 80 -8.70 23.39 10.74
N LEU A 81 -9.86 22.85 11.08
CA LEU A 81 -9.94 21.59 11.85
C LEU A 81 -11.06 20.74 11.28
N GLU A 82 -10.69 19.82 10.41
CA GLU A 82 -11.61 18.94 9.68
C GLU A 82 -12.54 19.76 8.81
N PHE A 83 -12.02 20.85 8.27
CA PHE A 83 -12.79 21.81 7.49
C PHE A 83 -13.00 21.24 6.10
N ASP A 84 -14.15 21.53 5.51
CA ASP A 84 -14.52 20.93 4.24
C ASP A 84 -14.30 21.84 3.03
N LYS A 85 -13.69 22.99 3.16
CA LYS A 85 -13.63 23.95 2.02
C LYS A 85 -12.18 24.19 1.60
N ILE A 86 -11.95 24.23 0.29
CA ILE A 86 -10.64 24.60 -0.24
C ILE A 86 -10.42 26.07 0.10
N VAL A 87 -9.42 26.29 0.92
CA VAL A 87 -8.97 27.64 1.23
C VAL A 87 -8.04 28.06 0.09
N GLN A 88 -8.22 29.25 -0.46
CA GLN A 88 -7.29 29.82 -1.49
C GLN A 88 -6.41 30.87 -0.79
N PRO A 89 -5.17 30.51 -0.42
CA PRO A 89 -4.37 31.41 0.43
C PRO A 89 -4.20 32.84 -0.07
N SER A 90 -4.27 33.05 -1.39
CA SER A 90 -4.10 34.37 -1.98
C SER A 90 -5.26 35.32 -1.70
N LYS A 91 -6.39 34.79 -1.25
CA LYS A 91 -7.48 35.67 -0.97
C LYS A 91 -7.40 36.23 0.45
N PHE A 92 -6.49 35.68 1.27
CA PHE A 92 -6.07 36.29 2.53
C PHE A 92 -4.98 37.31 2.32
N ASN A 93 -4.97 38.35 3.12
CA ASN A 93 -3.86 39.31 3.14
C ASN A 93 -2.85 39.06 4.25
N HIS A 94 -2.64 37.80 4.61
CA HIS A 94 -1.59 37.39 5.55
C HIS A 94 -1.34 35.89 5.31
N ASN A 95 -0.39 35.34 6.06
CA ASN A 95 0.10 33.97 5.84
CA ASN A 95 -0.02 33.93 5.83
C ASN A 95 -0.06 33.04 7.07
N GLU A 96 -0.66 33.56 8.14
CA GLU A 96 -0.97 32.82 9.33
C GLU A 96 -2.19 31.92 9.14
N LEU A 97 -2.00 30.91 8.30
CA LEU A 97 -2.99 29.92 7.97
C LEU A 97 -2.45 28.54 8.35
N PHE A 98 -3.18 27.84 9.21
CA PHE A 98 -2.76 26.59 9.83
C PHE A 98 -3.89 25.57 9.72
N ASN A 99 -3.49 24.29 9.65
CA ASN A 99 -4.38 23.15 9.50
C ASN A 99 -3.91 21.97 10.34
N ILE A 100 -4.86 21.24 10.90
CA ILE A 100 -4.55 19.96 11.55
C ILE A 100 -5.02 18.96 10.52
N HIS A 101 -4.08 18.18 10.01
CA HIS A 101 -4.41 17.05 9.17
C HIS A 101 -4.18 15.72 9.89
N PHE A 102 -5.08 14.80 9.63
CA PHE A 102 -5.14 13.53 10.37
C PHE A 102 -4.28 12.47 9.68
N SER A 103 -3.01 12.77 9.43
CA SER A 103 -2.02 11.72 9.11
C SER A 103 -0.66 12.13 9.65
N TYR A 104 0.34 11.25 9.54
CA TYR A 104 1.74 11.65 9.77
C TYR A 104 2.24 12.05 8.40
N LEU A 105 2.05 13.33 8.05
CA LEU A 105 2.46 13.78 6.71
C LEU A 105 3.95 13.56 6.58
N PRO A 106 4.45 13.17 5.41
CA PRO A 106 3.83 13.45 4.11
C PRO A 106 2.95 12.36 3.54
N LYS A 107 2.89 11.25 4.25
CA LYS A 107 1.95 10.18 3.93
C LYS A 107 0.49 10.52 4.19
N TYR A 108 -0.38 9.94 3.37
CA TYR A 108 -1.86 9.98 3.57
C TYR A 108 -2.45 11.39 3.55
N LYS A 109 -1.92 12.21 2.66
CA LYS A 109 -2.60 13.45 2.26
C LYS A 109 -3.99 13.07 1.76
N GLY A 110 -4.95 13.96 1.94
CA GLY A 110 -6.28 13.83 1.32
C GLY A 110 -7.30 13.15 2.21
N MET A 111 -8.09 12.25 1.65
CA MET A 111 -9.31 11.70 2.28
C MET A 111 -9.18 10.36 2.98
N TYR A 112 -10.15 10.11 3.87
CA TYR A 112 -10.43 8.84 4.44
C TYR A 112 -9.19 8.28 5.19
N THR A 113 -8.58 9.13 6.02
CA THR A 113 -7.32 8.78 6.67
C THR A 113 -7.50 7.85 7.86
N SER A 114 -8.77 7.65 8.22
CA SER A 114 -9.16 6.62 9.20
C SER A 114 -9.25 5.22 8.59
N ALA A 115 -9.46 5.15 7.26
CA ALA A 115 -9.48 3.88 6.53
C ALA A 115 -8.12 3.51 5.85
N TRP A 116 -7.60 4.40 5.00
CA TRP A 116 -6.46 3.99 4.21
C TRP A 116 -5.31 3.40 5.01
N PRO A 117 -4.92 4.04 6.12
CA PRO A 117 -3.80 3.40 6.82
C PRO A 117 -4.14 2.00 7.31
N ILE A 118 -5.37 1.78 7.76
CA ILE A 118 -5.76 0.45 8.20
C ILE A 118 -5.63 -0.54 7.02
N LEU A 119 -6.27 -0.14 5.93
CA LEU A 119 -6.36 -0.95 4.75
C LEU A 119 -5.00 -1.37 4.32
N ASN A 120 -4.08 -0.41 4.22
CA ASN A 120 -2.74 -0.74 3.75
C ASN A 120 -1.87 -1.51 4.76
N GLY A 121 -2.33 -1.73 6.00
CA GLY A 121 -1.59 -2.58 6.88
C GLY A 121 -0.62 -1.83 7.77
N GLU A 122 -0.85 -0.53 7.92
CA GLU A 122 -0.03 0.29 8.79
C GLU A 122 -0.20 -0.08 10.25
N ASP A 123 0.89 0.02 10.99
CA ASP A 123 0.89 -0.08 12.43
C ASP A 123 0.65 1.29 13.06
N THR A 124 1.07 2.36 12.38
CA THR A 124 1.01 3.71 12.95
C THR A 124 0.38 4.71 11.98
N SER A 125 0.02 5.86 12.54
CA SER A 125 -0.42 7.00 11.75
C SER A 125 -0.01 8.20 12.59
N GLY A 126 -0.75 9.29 12.46
CA GLY A 126 -0.41 10.51 13.20
C GLY A 126 -1.34 11.67 12.95
N VAL A 127 -1.06 12.73 13.67
CA VAL A 127 -1.65 14.03 13.39
C VAL A 127 -0.53 15.03 13.16
N THR A 128 -0.78 15.97 12.25
CA THR A 128 0.23 16.91 11.80
C THR A 128 -0.42 18.28 11.76
N LEU A 129 0.20 19.21 12.46
CA LEU A 129 -0.14 20.62 12.32
C LEU A 129 0.75 21.21 11.23
N HIS A 130 0.17 21.95 10.30
CA HIS A 130 0.92 22.49 9.19
C HIS A 130 0.39 23.83 8.66
N LYS A 131 1.22 24.51 7.87
CA LYS A 131 0.79 25.69 7.09
C LYS A 131 -0.13 25.26 5.98
N ILE A 132 -1.09 26.12 5.67
CA ILE A 132 -1.94 25.90 4.52
C ILE A 132 -1.27 26.65 3.37
N ASP A 133 -1.09 25.96 2.25
CA ASP A 133 -0.84 26.53 0.92
C ASP A 133 -1.97 26.15 -0.09
N HIS A 134 -1.80 26.48 -1.36
CA HIS A 134 -2.79 26.19 -2.42
C HIS A 134 -3.16 24.69 -2.51
N GLY A 135 -2.17 23.82 -2.30
CA GLY A 135 -2.35 22.39 -2.37
C GLY A 135 -3.08 21.76 -1.19
N ILE A 136 -3.32 20.46 -1.34
CA ILE A 136 -4.06 19.66 -0.38
C ILE A 136 -3.06 19.00 0.55
N ASP A 137 -2.99 19.51 1.77
CA ASP A 137 -2.20 18.90 2.82
C ASP A 137 -0.70 18.91 2.53
N THR A 138 -0.28 19.95 1.82
CA THR A 138 1.05 20.07 1.26
C THR A 138 1.95 21.07 1.99
N GLY A 139 1.41 22.01 2.76
CA GLY A 139 2.21 23.09 3.37
C GLY A 139 3.17 22.64 4.47
N ALA A 140 4.05 23.54 4.90
CA ALA A 140 5.18 23.14 5.74
C ALA A 140 4.73 22.68 7.13
N ILE A 141 5.40 21.68 7.66
CA ILE A 141 5.04 21.05 8.92
C ILE A 141 5.52 21.89 10.10
N ILE A 142 4.67 22.00 11.11
CA ILE A 142 4.99 22.74 12.31
C ILE A 142 5.20 21.82 13.52
N ALA A 143 4.31 20.85 13.69
CA ALA A 143 4.40 19.88 14.76
C ALA A 143 3.64 18.64 14.33
N GLN A 144 4.09 17.48 14.83
CA GLN A 144 3.39 16.21 14.57
C GLN A 144 3.41 15.29 15.78
N LYS A 145 2.51 14.31 15.77
CA LYS A 145 2.49 13.29 16.77
C LYS A 145 2.15 11.94 16.12
N GLU A 146 2.98 10.95 16.40
CA GLU A 146 2.73 9.58 15.97
C GLU A 146 1.63 8.94 16.81
N ILE A 147 0.80 8.13 16.16
CA ILE A 147 -0.32 7.43 16.77
C ILE A 147 -0.15 5.94 16.48
N ILE A 148 -0.34 5.11 17.51
CA ILE A 148 -0.29 3.66 17.39
C ILE A 148 -1.65 3.19 16.93
N ILE A 149 -1.72 2.42 15.84
CA ILE A 149 -2.99 1.74 15.53
C ILE A 149 -2.96 0.31 16.03
N GLN A 150 -3.68 0.07 17.12
CA GLN A 150 -3.80 -1.27 17.70
C GLN A 150 -4.44 -2.22 16.67
N PRO A 151 -4.07 -3.50 16.72
CA PRO A 151 -4.54 -4.39 15.67
C PRO A 151 -6.05 -4.72 15.75
N PHE A 152 -6.65 -4.58 16.93
CA PHE A 152 -8.11 -4.67 17.05
C PHE A 152 -8.88 -3.43 16.54
N GLU A 153 -8.25 -2.27 16.60
CA GLU A 153 -8.97 -1.01 16.38
C GLU A 153 -9.55 -0.84 15.00
N THR A 154 -10.72 -0.20 14.95
CA THR A 154 -11.52 0.03 13.76
C THR A 154 -11.27 1.42 13.24
N ALA A 155 -11.81 1.72 12.06
CA ALA A 155 -11.76 3.10 11.56
C ALA A 155 -12.30 4.11 12.56
N LYS A 156 -13.38 3.76 13.26
CA LYS A 156 -13.96 4.60 14.30
C LYS A 156 -13.01 4.89 15.45
N ASP A 157 -12.34 3.89 15.99
CA ASP A 157 -11.41 4.09 17.07
C ASP A 157 -10.30 5.01 16.59
N LEU A 158 -9.80 4.75 15.38
CA LEU A 158 -8.73 5.54 14.83
C LEU A 158 -9.13 7.00 14.70
N TYR A 159 -10.32 7.26 14.18
CA TYR A 159 -10.84 8.62 14.01
C TYR A 159 -10.91 9.33 15.36
N GLU A 160 -11.38 8.60 16.37
CA GLU A 160 -11.53 9.19 17.69
C GLU A 160 -10.15 9.51 18.32
N LYS A 161 -9.15 8.67 18.02
CA LYS A 161 -7.79 9.01 18.39
C LYS A 161 -7.28 10.25 17.67
N TYR A 162 -7.66 10.40 16.40
CA TYR A 162 -7.24 11.58 15.58
C TYR A 162 -7.75 12.86 16.24
N ILE A 163 -9.04 12.78 16.61
CA ILE A 163 -9.78 13.90 17.18
C ILE A 163 -9.08 14.29 18.50
N SER A 164 -8.82 13.28 19.33
CA SER A 164 -8.23 13.50 20.63
C SER A 164 -6.80 14.04 20.56
N GLU A 165 -5.95 13.34 19.83
CA GLU A 165 -4.55 13.78 19.69
C GLU A 165 -4.43 15.09 18.93
N GLY A 166 -5.34 15.31 17.99
CA GLY A 166 -5.35 16.51 17.19
C GLY A 166 -5.66 17.71 18.06
N THR A 167 -6.61 17.52 18.97
CA THR A 167 -6.95 18.49 20.01
C THR A 167 -5.75 18.88 20.87
N SER A 168 -5.07 17.91 21.46
CA SER A 168 -3.88 18.19 22.28
C SER A 168 -2.73 18.88 21.56
N LEU A 169 -2.51 18.47 20.32
CA LEU A 169 -1.42 19.02 19.52
C LEU A 169 -1.67 20.50 19.29
N VAL A 170 -2.92 20.83 18.94
CA VAL A 170 -3.27 22.24 18.80
C VAL A 170 -3.02 22.98 20.12
N ILE A 171 -3.54 22.42 21.21
CA ILE A 171 -3.46 23.10 22.51
C ILE A 171 -1.97 23.28 22.92
N ASP A 172 -1.14 22.28 22.63
CA ASP A 172 0.26 22.34 22.99
C ASP A 172 1.03 23.30 22.09
N ASN A 173 0.40 23.74 20.99
CA ASN A 173 1.06 24.66 20.06
C ASN A 173 0.36 26.00 19.85
N ILE A 174 -0.85 26.19 20.37
CA ILE A 174 -1.62 27.32 19.87
C ILE A 174 -1.00 28.65 20.23
N SER A 175 -0.26 28.70 21.34
CA SER A 175 0.39 29.95 21.74
C SER A 175 1.46 30.40 20.71
N THR A 176 2.27 29.44 20.30
CA THR A 176 3.24 29.73 19.27
C THR A 176 2.51 30.22 18.04
N LEU A 177 1.35 29.69 17.69
CA LEU A 177 0.69 30.19 16.47
C LEU A 177 0.22 31.63 16.68
N LEU A 178 -0.32 31.92 17.85
CA LEU A 178 -0.89 33.24 18.12
C LEU A 178 0.20 34.30 18.21
N ASN A 179 1.32 33.96 18.81
CA ASN A 179 2.45 34.88 19.00
C ASN A 179 3.52 34.84 17.90
N SER A 180 3.19 34.20 16.79
CA SER A 180 4.09 34.00 15.67
C SER A 180 5.47 33.51 16.07
N GLU A 181 5.51 32.47 16.91
CA GLU A 181 6.73 31.95 17.54
C GLU A 181 7.04 30.53 17.07
N TYR A 182 6.53 30.14 15.91
CA TYR A 182 6.60 28.74 15.52
C TYR A 182 7.66 28.57 14.44
N VAL A 183 8.14 27.34 14.30
CA VAL A 183 8.98 26.97 13.19
C VAL A 183 8.22 26.10 12.18
N GLU A 184 8.68 26.17 10.92
CA GLU A 184 8.19 25.33 9.84
C GLU A 184 9.28 24.64 9.01
N LYS A 185 8.96 23.50 8.42
CA LYS A 185 9.88 22.75 7.55
C LYS A 185 9.12 22.23 6.31
N GLU A 186 9.65 22.49 5.12
CA GLU A 186 8.97 22.03 3.91
C GLU A 186 8.82 20.52 3.99
N GLN A 187 7.69 20.02 3.46
CA GLN A 187 7.47 18.56 3.37
C GLN A 187 8.35 17.94 2.33
N ASN A 188 8.96 16.80 2.66
CA ASN A 188 9.58 15.97 1.65
C ASN A 188 8.76 15.52 0.44
N ILE A 189 9.45 15.35 -0.67
CA ILE A 189 8.92 14.64 -1.81
C ILE A 189 8.75 13.14 -1.53
N LYS A 190 9.76 12.52 -0.92
CA LYS A 190 9.77 11.06 -0.82
C LYS A 190 8.72 10.56 0.14
N TYR A 191 8.10 9.44 -0.23
CA TYR A 191 7.00 8.78 0.47
C TYR A 191 5.71 9.60 0.56
N SER A 192 5.65 10.73 -0.13
CA SER A 192 4.45 11.54 -0.17
C SER A 192 3.36 10.70 -0.86
N SER A 193 2.19 10.59 -0.22
CA SER A 193 1.01 9.90 -0.77
C SER A 193 -0.28 10.71 -0.55
N TYR A 194 -1.23 10.48 -1.44
CA TYR A 194 -2.50 11.19 -1.48
C TYR A 194 -3.63 10.29 -1.97
N TYR A 195 -4.78 10.36 -1.30
CA TYR A 195 -5.97 9.58 -1.65
C TYR A 195 -7.17 10.54 -1.82
N SER A 196 -7.72 10.58 -3.03
CA SER A 196 -8.92 11.37 -3.30
C SER A 196 -10.19 10.69 -2.80
N LYS A 197 -11.28 11.43 -2.93
CA LYS A 197 -12.60 10.97 -2.50
C LYS A 197 -13.11 9.83 -3.36
N LYS A 198 -12.52 9.72 -4.55
CA LYS A 198 -12.89 8.70 -5.51
C LYS A 198 -12.25 7.36 -5.17
N THR A 199 -11.20 7.35 -4.34
CA THR A 199 -10.50 6.11 -4.00
C THR A 199 -11.34 5.11 -3.20
N ILE A 200 -12.39 5.59 -2.52
CA ILE A 200 -13.36 4.69 -1.91
C ILE A 200 -14.77 5.21 -2.18
N ASP A 201 -15.62 4.30 -2.65
CA ASP A 201 -17.02 4.53 -2.98
C ASP A 201 -17.87 3.91 -1.88
N TYR A 202 -18.13 4.70 -0.86
CA TYR A 202 -18.99 4.28 0.24
C TYR A 202 -20.48 4.08 -0.13
N SER A 203 -20.92 4.40 -1.35
CA SER A 203 -22.25 3.98 -1.88
C SER A 203 -22.28 2.57 -2.39
N ASN A 204 -21.12 1.99 -2.66
CA ASN A 204 -21.05 0.64 -3.16
C ASN A 204 -19.89 -0.12 -2.55
N LEU A 205 -19.74 -0.03 -1.23
CA LEU A 205 -18.62 -0.66 -0.52
C LEU A 205 -18.67 -2.17 -0.71
N GLU A 206 -17.54 -2.81 -0.98
CA GLU A 206 -17.49 -4.27 -1.20
C GLU A 206 -16.24 -4.89 -0.60
N LEU A 207 -16.41 -6.03 0.07
CA LEU A 207 -15.31 -6.77 0.60
C LEU A 207 -14.67 -7.41 -0.59
N ASN A 208 -13.34 -7.47 -0.61
CA ASN A 208 -12.63 -8.16 -1.67
C ASN A 208 -11.92 -9.35 -1.05
N PHE A 209 -12.43 -10.54 -1.39
CA PHE A 209 -11.88 -11.80 -0.93
C PHE A 209 -10.71 -12.36 -1.73
N SER A 210 -10.43 -11.75 -2.86
CA SER A 210 -9.18 -12.04 -3.57
C SER A 210 -8.01 -11.32 -2.93
N LYS A 211 -7.76 -11.61 -1.66
CA LYS A 211 -6.76 -10.91 -0.89
C LYS A 211 -6.31 -11.83 0.18
N THR A 212 -5.26 -11.48 0.88
CA THR A 212 -4.94 -12.26 2.06
C THR A 212 -5.93 -12.07 3.21
N ALA A 213 -5.99 -13.06 4.08
CA ALA A 213 -6.74 -12.94 5.33
C ALA A 213 -6.37 -11.67 6.07
N PHE A 214 -5.06 -11.41 6.14
CA PHE A 214 -4.55 -10.22 6.82
C PHE A 214 -5.20 -8.98 6.22
N GLU A 215 -5.18 -8.88 4.89
CA GLU A 215 -5.79 -7.75 4.21
C GLU A 215 -7.32 -7.67 4.42
N ILE A 216 -7.98 -8.81 4.39
CA ILE A 216 -9.42 -8.88 4.56
C ILE A 216 -9.86 -8.49 5.98
N ILE A 217 -9.08 -8.84 6.98
CA ILE A 217 -9.42 -8.38 8.30
C ILE A 217 -9.25 -6.85 8.47
N ASN A 218 -8.19 -6.34 7.85
CA ASN A 218 -8.02 -4.89 7.69
C ASN A 218 -9.10 -4.21 6.84
N GLN A 219 -9.67 -4.87 5.84
CA GLN A 219 -10.87 -4.28 5.23
C GLN A 219 -12.00 -4.13 6.24
N LEU A 220 -12.24 -5.15 7.06
CA LEU A 220 -13.32 -5.08 8.03
C LEU A 220 -13.06 -3.92 8.97
N ARG A 221 -11.90 -3.95 9.59
CA ARG A 221 -11.52 -2.89 10.47
C ARG A 221 -11.75 -1.53 9.81
N ALA A 222 -11.19 -1.35 8.63
CA ALA A 222 -11.21 -0.05 7.96
C ALA A 222 -12.61 0.42 7.59
N PHE A 223 -13.57 -0.50 7.46
CA PHE A 223 -14.93 -0.15 7.10
C PHE A 223 -15.90 -0.21 8.28
N THR A 224 -15.38 -0.41 9.48
CA THR A 224 -16.21 -0.50 10.65
C THR A 224 -16.25 0.90 11.28
N PHE A 225 -17.32 1.61 10.95
CA PHE A 225 -17.58 2.96 11.40
C PHE A 225 -19.10 3.10 11.42
N ARG A 226 -19.69 2.62 12.51
CA ARG A 226 -21.12 2.25 12.57
C ARG A 226 -22.09 3.31 12.06
N GLU A 227 -21.90 4.55 12.51
CA GLU A 227 -22.74 5.67 12.13
C GLU A 227 -22.82 5.88 10.61
N TYR A 228 -21.75 5.52 9.89
CA TYR A 228 -21.79 5.43 8.42
C TYR A 228 -22.22 4.10 7.85
N GLN A 229 -21.49 3.05 8.20
CA GLN A 229 -21.78 1.72 7.72
C GLN A 229 -20.98 0.69 8.48
N LEU A 230 -21.43 -0.56 8.41
CA LEU A 230 -20.62 -1.74 8.66
C LEU A 230 -20.39 -2.43 7.34
N PRO A 231 -19.30 -3.19 7.21
CA PRO A 231 -19.18 -4.02 6.02
C PRO A 231 -20.27 -5.12 5.95
N LYS A 232 -20.70 -5.47 4.75
CA LYS A 232 -21.73 -6.50 4.57
C LYS A 232 -21.25 -7.73 3.80
N LEU A 233 -21.97 -8.84 3.96
CA LEU A 233 -21.77 -9.99 3.08
C LEU A 233 -23.13 -10.60 2.83
N ASP A 234 -23.53 -10.60 1.56
CA ASP A 234 -24.90 -10.85 1.13
C ASP A 234 -25.88 -9.94 1.83
N GLY A 235 -25.54 -8.67 1.93
CA GLY A 235 -26.33 -7.70 2.72
C GLY A 235 -26.41 -7.86 4.24
N VAL A 236 -25.72 -8.84 4.81
CA VAL A 236 -25.71 -9.04 6.26
C VAL A 236 -24.56 -8.22 6.86
N ASN A 237 -24.85 -7.35 7.81
CA ASN A 237 -23.79 -6.63 8.51
C ASN A 237 -22.87 -7.47 9.38
N ILE A 238 -21.60 -7.13 9.30
CA ILE A 238 -20.52 -7.83 10.00
C ILE A 238 -19.89 -6.89 10.99
N PHE A 239 -19.63 -7.40 12.20
CA PHE A 239 -18.79 -6.66 13.12
C PHE A 239 -17.52 -7.44 13.43
N LEU A 240 -16.46 -7.05 12.73
CA LEU A 240 -15.16 -7.72 12.81
C LEU A 240 -15.18 -9.23 12.49
N GLY A 241 -14.05 -9.89 12.80
CA GLY A 241 -13.80 -11.26 12.38
C GLY A 241 -12.42 -11.70 12.79
N ASP A 242 -12.05 -12.95 12.50
CA ASP A 242 -10.71 -13.48 12.78
C ASP A 242 -10.21 -14.42 11.68
N VAL A 243 -8.90 -14.63 11.70
CA VAL A 243 -8.22 -15.48 10.74
C VAL A 243 -8.22 -16.89 11.26
N LEU A 244 -8.71 -17.82 10.48
CA LEU A 244 -8.66 -19.18 10.93
C LEU A 244 -7.39 -19.87 10.46
N SER A 245 -7.22 -21.05 11.04
CA SER A 245 -6.11 -21.93 10.79
C SER A 245 -6.27 -22.74 9.49
N SER A 246 -7.50 -23.00 9.06
CA SER A 246 -7.77 -23.68 7.79
C SER A 246 -7.57 -22.85 6.53
N ARG A 247 -7.28 -23.57 5.44
CA ARG A 247 -7.12 -23.06 4.10
C ARG A 247 -7.95 -23.74 3.00
N SER A 248 -9.14 -23.24 2.76
CA SER A 248 -10.05 -23.90 1.85
C SER A 248 -9.53 -23.90 0.42
N ILE A 249 -9.71 -25.05 -0.23
CA ILE A 249 -9.45 -25.26 -1.64
C ILE A 249 -10.37 -24.35 -2.46
N MET A 250 -11.51 -23.96 -1.92
CA MET A 250 -12.51 -23.34 -2.76
C MET A 250 -12.10 -21.94 -3.13
N LYS A 251 -12.59 -21.51 -4.30
CA LYS A 251 -12.40 -20.15 -4.83
C LYS A 251 -12.49 -19.11 -3.72
N PRO A 252 -11.55 -18.13 -3.71
CA PRO A 252 -11.73 -16.97 -2.81
C PRO A 252 -13.09 -16.33 -3.02
N GLY A 253 -13.71 -15.90 -1.94
CA GLY A 253 -15.09 -15.41 -1.95
C GLY A 253 -16.14 -16.46 -1.61
N SER A 254 -15.75 -17.74 -1.68
CA SER A 254 -16.64 -18.87 -1.41
C SER A 254 -17.05 -18.92 0.06
N ILE A 255 -18.35 -19.00 0.30
CA ILE A 255 -18.92 -19.10 1.65
C ILE A 255 -18.79 -20.51 2.19
N LEU A 256 -18.03 -20.69 3.27
CA LEU A 256 -17.71 -22.01 3.78
C LEU A 256 -18.70 -22.53 4.83
N GLU A 257 -19.41 -21.62 5.49
CA GLU A 257 -20.32 -21.95 6.57
C GLU A 257 -21.06 -20.68 6.87
N ARG A 258 -22.33 -20.86 7.22
CA ARG A 258 -23.15 -19.86 7.91
C ARG A 258 -23.74 -20.44 9.20
N ASN A 259 -23.52 -19.78 10.33
CA ASN A 259 -24.37 -19.99 11.51
C ASN A 259 -24.98 -18.68 12.02
N ASP A 260 -25.69 -18.78 13.14
CA ASP A 260 -26.37 -17.61 13.68
C ASP A 260 -25.41 -16.46 14.00
N LYS A 261 -24.17 -16.77 14.37
CA LYS A 261 -23.22 -15.76 14.80
C LYS A 261 -22.23 -15.35 13.70
N GLU A 262 -22.02 -16.21 12.71
CA GLU A 262 -20.88 -16.01 11.84
C GLU A 262 -20.96 -16.62 10.45
N ILE A 263 -20.05 -16.17 9.59
CA ILE A 263 -19.94 -16.58 8.20
C ILE A 263 -18.45 -16.79 7.94
N ILE A 264 -18.09 -17.95 7.41
CA ILE A 264 -16.68 -18.24 7.19
C ILE A 264 -16.46 -18.23 5.70
N VAL A 265 -15.32 -17.66 5.31
CA VAL A 265 -15.06 -17.39 3.89
C VAL A 265 -13.65 -17.76 3.49
N SER A 266 -13.57 -18.24 2.25
CA SER A 266 -12.32 -18.59 1.60
C SER A 266 -11.56 -17.32 1.15
N THR A 267 -10.27 -17.30 1.39
CA THR A 267 -9.41 -16.23 0.88
C THR A 267 -8.27 -16.83 0.06
N ILE A 268 -7.39 -15.96 -0.40
CA ILE A 268 -6.16 -16.32 -1.09
C ILE A 268 -5.29 -17.23 -0.25
N ASP A 269 -5.25 -17.00 1.06
CA ASP A 269 -4.59 -17.90 1.96
C ASP A 269 -5.57 -18.48 2.99
N TYR A 270 -5.56 -17.94 4.20
CA TYR A 270 -6.31 -18.54 5.28
C TYR A 270 -7.75 -18.13 5.28
N ASP A 271 -8.59 -19.10 5.68
CA ASP A 271 -10.02 -18.88 5.87
C ASP A 271 -10.21 -17.75 6.89
N VAL A 272 -11.26 -16.95 6.71
CA VAL A 272 -11.62 -15.95 7.72
C VAL A 272 -13.04 -16.17 8.23
N VAL A 273 -13.26 -15.94 9.52
CA VAL A 273 -14.61 -15.91 10.09
C VAL A 273 -14.99 -14.47 10.25
N LEU A 274 -16.17 -14.16 9.71
CA LEU A 274 -16.78 -12.87 9.84
C LEU A 274 -17.94 -13.01 10.84
N TYR A 275 -17.95 -12.11 11.82
CA TYR A 275 -18.95 -12.13 12.88
C TYR A 275 -20.11 -11.24 12.47
N LYS A 276 -21.29 -11.87 12.46
CA LYS A 276 -22.51 -11.13 12.22
C LYS A 276 -22.72 -10.09 13.31
N ASP A 277 -23.02 -8.87 12.89
CA ASP A 277 -23.36 -7.82 13.82
C ASP A 277 -24.61 -8.14 14.62
N ASN A 278 -24.44 -8.35 15.93
CA ASN A 278 -25.56 -8.50 16.86
C ASN A 278 -25.58 -7.43 17.97
N PHE A 279 -25.03 -6.25 17.68
CA PHE A 279 -24.94 -5.20 18.70
C PHE A 279 -26.31 -4.86 19.33
N LYS A 280 -27.32 -4.81 18.47
CA LYS A 280 -28.65 -4.35 18.81
C LYS A 280 -29.28 -5.33 19.79
N GLU A 281 -29.17 -6.61 19.46
CA GLU A 281 -29.50 -7.69 20.37
C GLU A 281 -28.71 -7.61 21.69
N ILE A 282 -27.42 -7.39 21.62
CA ILE A 282 -26.67 -7.25 22.85
C ILE A 282 -27.17 -6.09 23.73
N LEU A 283 -27.47 -4.96 23.11
CA LEU A 283 -27.86 -3.75 23.83
C LEU A 283 -29.14 -3.99 24.63
N GLU A 284 -30.12 -4.59 23.97
CA GLU A 284 -31.38 -5.00 24.56
C GLU A 284 -31.14 -5.90 25.76
N ALA A 285 -30.31 -6.91 25.55
CA ALA A 285 -29.97 -7.86 26.58
C ALA A 285 -29.28 -7.23 27.81
N CYS A 286 -28.56 -6.14 27.64
CA CYS A 286 -27.83 -5.55 28.76
C CYS A 286 -28.74 -4.92 29.83
N LYS A 287 -30.02 -4.75 29.54
CA LYS A 287 -30.96 -4.23 30.53
C LYS A 287 -31.02 -5.17 31.73
N TYR A 288 -31.33 -6.44 31.48
CA TYR A 288 -31.57 -7.38 32.56
C TYR A 288 -30.71 -8.62 32.59
N SER A 289 -29.91 -8.91 31.56
CA SER A 289 -29.25 -10.21 31.49
C SER A 289 -28.00 -10.12 32.31
N ASP A 290 -27.46 -11.27 32.74
CA ASP A 290 -26.18 -11.29 33.44
C ASP A 290 -25.04 -11.52 32.44
N SER A 291 -23.81 -11.42 32.94
CA SER A 291 -22.60 -11.33 32.12
C SER A 291 -22.35 -12.65 31.42
N LYS A 292 -22.72 -13.71 32.13
CA LYS A 292 -22.71 -15.06 31.60
C LYS A 292 -23.51 -15.13 30.32
N TYR A 293 -24.69 -14.53 30.29
CA TYR A 293 -25.50 -14.54 29.08
C TYR A 293 -24.89 -13.63 27.96
N ILE A 294 -24.36 -12.47 28.34
CA ILE A 294 -23.78 -11.54 27.36
C ILE A 294 -22.52 -12.16 26.76
N ALA A 295 -21.68 -12.74 27.61
CA ALA A 295 -20.49 -13.48 27.20
C ALA A 295 -20.70 -14.39 26.02
N LYS A 296 -21.77 -15.17 26.03
CA LYS A 296 -22.12 -16.07 24.94
C LYS A 296 -22.56 -15.40 23.65
N LEU A 297 -23.21 -14.24 23.76
CA LEU A 297 -23.51 -13.39 22.60
C LEU A 297 -22.29 -12.81 21.86
N ILE A 298 -21.16 -12.71 22.54
CA ILE A 298 -20.04 -11.91 22.10
C ILE A 298 -19.17 -12.71 21.15
N ARG A 299 -18.87 -12.18 19.98
CA ARG A 299 -17.79 -12.76 19.19
C ARG A 299 -16.52 -11.93 19.29
N ALA A 300 -16.59 -10.66 18.93
CA ALA A 300 -15.47 -9.75 19.11
C ALA A 300 -15.66 -8.91 20.38
N LYS A 301 -14.63 -8.87 21.22
CA LYS A 301 -14.72 -8.24 22.52
C LYS A 301 -15.10 -6.76 22.38
N SER A 302 -14.57 -6.11 21.34
CA SER A 302 -14.77 -4.68 21.15
C SER A 302 -16.23 -4.28 20.91
N ILE A 303 -17.10 -5.20 20.50
CA ILE A 303 -18.52 -4.87 20.27
C ILE A 303 -19.18 -4.32 21.55
N LEU A 304 -18.64 -4.70 22.70
CA LEU A 304 -19.05 -4.16 24.00
C LEU A 304 -18.87 -2.66 24.19
N PHE A 305 -18.05 -2.03 23.36
CA PHE A 305 -17.79 -0.58 23.48
C PHE A 305 -18.42 0.17 22.32
N GLU A 306 -19.23 -0.51 21.49
CA GLU A 306 -20.00 0.14 20.43
C GLU A 306 -21.20 0.87 21.02
N LYS A 307 -21.77 1.78 20.23
CA LYS A 307 -22.90 2.66 20.59
C LYS A 307 -23.94 2.79 19.46
N ASN A 308 -25.19 3.02 19.84
CA ASN A 308 -26.25 3.17 18.86
C ASN A 308 -26.17 4.62 18.44
N ILE A 309 -27.05 5.06 17.52
CA ILE A 309 -26.99 6.47 17.05
C ILE A 309 -27.18 7.59 18.11
N TYR A 310 -27.72 7.28 19.30
CA TYR A 310 -27.77 8.27 20.40
C TYR A 310 -26.58 8.25 21.35
N GLY A 311 -25.69 7.28 21.19
CA GLY A 311 -24.52 7.16 22.03
C GLY A 311 -24.66 6.22 23.21
N ALA A 312 -25.78 5.49 23.26
CA ALA A 312 -26.00 4.47 24.29
C ALA A 312 -25.11 3.24 24.06
N SER A 313 -24.29 2.95 25.07
CA SER A 313 -23.46 1.76 25.15
C SER A 313 -24.02 0.68 26.07
N PRO A 314 -23.50 -0.54 25.94
CA PRO A 314 -23.83 -1.57 26.92
C PRO A 314 -23.65 -1.10 28.35
N VAL A 315 -22.61 -0.34 28.66
CA VAL A 315 -22.41 0.06 30.06
C VAL A 315 -23.54 1.03 30.45
N ILE A 316 -23.89 1.94 29.53
CA ILE A 316 -24.91 2.93 29.80
C ILE A 316 -26.29 2.28 30.01
N VAL A 317 -26.64 1.31 29.16
CA VAL A 317 -27.90 0.57 29.29
C VAL A 317 -27.94 -0.19 30.63
N ALA A 318 -26.85 -0.90 30.93
CA ALA A 318 -26.67 -1.57 32.22
C ALA A 318 -26.89 -0.66 33.39
N ALA A 319 -26.28 0.53 33.38
CA ALA A 319 -26.53 1.49 34.49
C ALA A 319 -27.98 1.98 34.58
N TYR A 320 -28.59 2.24 33.44
CA TYR A 320 -29.96 2.72 33.44
C TYR A 320 -30.94 1.74 34.08
N HIS A 321 -30.62 0.44 34.02
CA HIS A 321 -31.47 -0.58 34.61
C HIS A 321 -30.85 -1.19 35.86
N GLY A 322 -29.89 -0.53 36.47
CA GLY A 322 -29.30 -0.98 37.71
C GLY A 322 -28.58 -2.31 37.60
N ASN A 323 -28.11 -2.68 36.41
CA ASN A 323 -27.62 -4.02 36.18
C ASN A 323 -26.16 -4.08 36.61
N ILE A 324 -26.00 -4.10 37.91
CA ILE A 324 -24.71 -3.87 38.53
C ILE A 324 -23.68 -4.95 38.27
N GLU A 325 -24.06 -6.23 38.31
CA GLU A 325 -23.11 -7.28 37.99
C GLU A 325 -22.65 -7.14 36.54
N LEU A 326 -23.52 -6.72 35.63
CA LEU A 326 -23.08 -6.49 34.25
C LEU A 326 -22.13 -5.29 34.10
N ILE A 327 -22.45 -4.16 34.70
CA ILE A 327 -21.54 -3.02 34.76
C ILE A 327 -20.13 -3.43 35.15
N LYS A 328 -19.99 -4.09 36.29
CA LYS A 328 -18.66 -4.58 36.77
C LYS A 328 -17.90 -5.36 35.71
N TRP A 329 -18.59 -6.32 35.10
CA TRP A 329 -18.00 -7.17 34.10
C TRP A 329 -17.57 -6.38 32.87
N LEU A 330 -18.47 -5.53 32.36
CA LEU A 330 -18.19 -4.64 31.24
C LEU A 330 -16.98 -3.76 31.54
N VAL A 331 -16.94 -3.16 32.73
CA VAL A 331 -15.78 -2.39 33.12
C VAL A 331 -14.51 -3.27 33.13
N SER A 332 -14.61 -4.49 33.64
CA SER A 332 -13.43 -5.33 33.71
C SER A 332 -12.92 -5.66 32.29
N LYS A 333 -13.81 -5.70 31.31
CA LYS A 333 -13.44 -5.96 29.91
C LYS A 333 -12.91 -4.74 29.20
N GLY A 334 -12.99 -3.58 29.83
CA GLY A 334 -12.51 -2.33 29.27
C GLY A 334 -13.56 -1.26 29.02
N ALA A 335 -14.78 -1.42 29.52
CA ALA A 335 -15.78 -0.35 29.35
C ALA A 335 -15.44 0.86 30.22
N ASN A 336 -15.86 2.03 29.78
CA ASN A 336 -15.58 3.25 30.52
C ASN A 336 -16.69 3.42 31.55
N ILE A 337 -16.31 3.43 32.82
CA ILE A 337 -17.24 3.67 33.93
C ILE A 337 -17.92 5.05 33.88
N ASN A 338 -17.30 6.01 33.18
CA ASN A 338 -17.89 7.32 32.92
C ASN A 338 -18.29 7.54 31.47
N ASP A 339 -18.66 6.47 30.79
CA ASP A 339 -19.11 6.57 29.40
C ASP A 339 -20.28 7.56 29.22
N ARG A 340 -20.35 8.18 28.04
CA ARG A 340 -21.37 9.18 27.73
C ARG A 340 -22.04 8.91 26.43
N ASN A 341 -23.30 9.32 26.35
CA ASN A 341 -24.00 9.31 25.08
C ASN A 341 -23.67 10.61 24.35
N TYR A 342 -24.33 10.84 23.22
CA TYR A 342 -23.96 11.97 22.38
C TYR A 342 -24.50 13.33 22.82
N LYS A 343 -25.12 13.39 23.99
CA LYS A 343 -25.42 14.65 24.67
C LYS A 343 -24.54 14.88 25.89
N GLY A 344 -23.60 13.95 26.10
CA GLY A 344 -22.69 14.04 27.23
C GLY A 344 -23.26 13.49 28.53
N THR A 345 -24.43 12.84 28.44
CA THR A 345 -25.08 12.23 29.59
C THR A 345 -24.22 11.04 30.03
N THR A 346 -23.83 11.05 31.30
CA THR A 346 -22.88 10.12 31.86
C THR A 346 -23.58 8.91 32.46
N VAL A 347 -22.80 7.83 32.65
CA VAL A 347 -23.23 6.62 33.34
C VAL A 347 -23.83 6.98 34.69
N ALA A 348 -23.21 7.89 35.42
CA ALA A 348 -23.69 8.21 36.74
C ALA A 348 -25.09 8.82 36.67
N MET A 349 -25.38 9.56 35.61
CA MET A 349 -26.72 10.13 35.43
C MET A 349 -27.78 9.08 35.15
N TYR A 350 -27.42 8.06 34.34
CA TYR A 350 -28.32 6.94 34.05
C TYR A 350 -28.62 6.12 35.31
N PHE A 351 -27.55 5.85 36.07
CA PHE A 351 -27.65 5.13 37.31
C PHE A 351 -28.52 5.84 38.35
N LYS A 352 -28.42 7.17 38.42
CA LYS A 352 -29.31 7.95 39.27
C LYS A 352 -30.80 7.73 38.95
N ASP A 353 -31.10 7.61 37.66
CA ASP A 353 -32.48 7.28 37.28
C ASP A 353 -32.89 5.92 37.85
N TYR A 354 -32.03 4.91 37.72
CA TYR A 354 -32.31 3.63 38.34
C TYR A 354 -32.55 3.74 39.84
N MET A 355 -31.73 4.51 40.55
CA MET A 355 -31.78 4.70 42.00
C MET A 355 -33.07 5.36 42.42
N LEU A 356 -33.50 6.36 41.64
CA LEU A 356 -34.78 6.94 41.91
C LEU A 356 -35.90 5.94 41.73
N LYS A 357 -35.86 5.17 40.65
CA LYS A 357 -36.99 4.31 40.35
C LYS A 357 -37.13 3.15 41.34
N SER A 358 -36.00 2.57 41.74
CA SER A 358 -35.99 1.32 42.48
C SER A 358 -35.86 1.63 43.97
N GLY A 359 -35.25 2.76 44.30
CA GLY A 359 -34.94 3.08 45.69
C GLY A 359 -33.74 2.33 46.23
N ASP A 360 -33.08 1.54 45.38
CA ASP A 360 -31.89 0.79 45.75
C ASP A 360 -30.67 1.60 45.38
N TYR A 361 -30.08 2.21 46.40
CA TYR A 361 -28.90 3.05 46.27
C TYR A 361 -27.61 2.28 46.49
N SER A 362 -27.71 0.99 46.77
CA SER A 362 -26.62 0.30 47.44
C SER A 362 -25.38 0.06 46.57
N GLY A 363 -25.55 0.00 45.25
CA GLY A 363 -24.45 -0.19 44.32
C GLY A 363 -23.62 1.04 43.96
N LEU A 364 -24.04 2.22 44.41
CA LEU A 364 -23.28 3.43 44.13
C LEU A 364 -21.85 3.37 44.66
N LYS A 365 -21.68 2.89 45.89
CA LYS A 365 -20.34 2.82 46.46
C LYS A 365 -19.37 2.00 45.62
N MET A 366 -19.86 0.87 45.11
CA MET A 366 -19.01 0.05 44.31
C MET A 366 -18.68 0.71 42.97
N LEU A 367 -19.63 1.41 42.34
CA LEU A 367 -19.32 2.15 41.09
C LEU A 367 -18.29 3.28 41.32
N ILE A 368 -18.43 3.99 42.41
CA ILE A 368 -17.45 5.02 42.79
C ILE A 368 -16.06 4.40 42.93
N ASP A 369 -15.96 3.27 43.62
CA ASP A 369 -14.71 2.52 43.62
C ASP A 369 -14.19 2.08 42.26
N LEU A 370 -15.07 1.81 41.30
CA LEU A 370 -14.63 1.60 39.92
C LEU A 370 -14.21 2.87 39.18
N GLY A 371 -14.32 4.04 39.77
CA GLY A 371 -13.93 5.27 39.10
C GLY A 371 -15.08 6.20 38.70
N LEU A 372 -16.31 5.83 39.03
CA LEU A 372 -17.45 6.68 38.67
C LEU A 372 -17.24 8.08 39.23
N ASP A 373 -17.40 9.09 38.36
CA ASP A 373 -17.15 10.51 38.60
C ASP A 373 -18.44 11.34 38.56
N LEU A 374 -18.86 11.77 39.74
CA LEU A 374 -20.07 12.53 39.96
C LEU A 374 -19.96 14.01 39.65
N THR A 375 -18.73 14.50 39.45
CA THR A 375 -18.51 15.92 39.14
C THR A 375 -18.63 16.22 37.64
N LEU A 376 -18.81 15.21 36.80
CA LEU A 376 -18.77 15.45 35.37
C LEU A 376 -20.05 16.16 34.94
N THR A 377 -19.96 16.96 33.88
CA THR A 377 -21.11 17.68 33.36
C THR A 377 -21.37 17.30 31.90
N ASP A 378 -22.65 17.20 31.56
CA ASP A 378 -23.13 16.97 30.21
C ASP A 378 -22.94 18.22 29.36
N TYR A 379 -23.42 18.20 28.12
CA TYR A 379 -23.27 19.38 27.26
C TYR A 379 -24.22 20.57 27.54
N LYS A 380 -25.12 20.46 28.51
CA LYS A 380 -25.84 21.63 29.04
C LYS A 380 -25.12 22.21 30.25
N ASP A 381 -24.00 21.59 30.57
CA ASP A 381 -23.18 21.92 31.71
C ASP A 381 -23.81 21.64 33.07
N TYR A 382 -24.71 20.65 33.10
CA TYR A 382 -25.32 20.18 34.36
C TYR A 382 -24.56 18.94 34.87
N THR A 383 -24.30 18.91 36.18
CA THR A 383 -23.98 17.64 36.86
C THR A 383 -25.29 16.89 37.17
N VAL A 384 -25.14 15.65 37.61
CA VAL A 384 -26.23 14.83 38.16
C VAL A 384 -26.90 15.52 39.33
N PHE A 385 -26.11 16.20 40.17
CA PHE A 385 -26.56 17.03 41.27
C PHE A 385 -27.53 18.15 40.86
N ASP A 386 -27.22 18.84 39.79
CA ASP A 386 -28.14 19.85 39.27
C ASP A 386 -29.45 19.21 38.86
N TYR A 387 -29.43 18.04 38.23
CA TYR A 387 -30.71 17.41 37.85
C TYR A 387 -31.54 16.99 39.09
N LEU A 388 -30.89 16.42 40.10
CA LEU A 388 -31.59 16.10 41.35
C LEU A 388 -32.18 17.32 42.04
N GLU A 389 -31.39 18.38 42.19
CA GLU A 389 -31.88 19.61 42.79
C GLU A 389 -33.10 20.16 42.01
N LYS A 390 -33.02 20.20 40.69
CA LYS A 390 -34.15 20.59 39.87
C LYS A 390 -35.39 19.70 40.08
N SER A 391 -35.21 18.38 40.19
CA SER A 391 -36.38 17.55 40.37
C SER A 391 -36.85 17.55 41.84
N GLY A 392 -36.15 18.28 42.70
CA GLY A 392 -36.43 18.27 44.14
C GLY A 392 -36.14 16.97 44.89
N ASN A 393 -35.24 16.13 44.40
CA ASN A 393 -34.84 14.93 45.15
C ASN A 393 -33.63 15.19 46.05
N LYS A 394 -33.87 16.02 47.06
CA LYS A 394 -32.80 16.50 47.92
C LYS A 394 -32.14 15.36 48.66
N ASN A 395 -32.96 14.38 48.99
CA ASN A 395 -32.51 13.26 49.76
C ASN A 395 -31.49 12.37 49.02
N LEU A 396 -31.81 12.02 47.78
CA LEU A 396 -30.86 11.31 46.91
C LEU A 396 -29.64 12.18 46.59
N LEU A 397 -29.85 13.47 46.42
CA LEU A 397 -28.74 14.42 46.22
C LEU A 397 -27.71 14.30 47.31
N GLN A 398 -28.13 14.30 48.57
CA GLN A 398 -27.16 14.29 49.66
C GLN A 398 -26.51 12.91 49.77
N TYR A 399 -27.26 11.86 49.48
CA TYR A 399 -26.72 10.50 49.43
C TYR A 399 -25.56 10.39 48.45
N MET A 400 -25.81 10.84 47.22
CA MET A 400 -24.81 10.85 46.13
C MET A 400 -23.60 11.70 46.50
N MET A 401 -23.85 12.89 47.01
CA MET A 401 -22.80 13.81 47.51
C MET A 401 -21.83 13.14 48.50
N ALA A 402 -22.39 12.36 49.40
CA ALA A 402 -21.64 11.76 50.47
C ALA A 402 -20.73 10.63 49.97
N PHE A 403 -21.04 10.04 48.82
CA PHE A 403 -20.21 8.97 48.25
C PHE A 403 -19.21 9.44 47.19
N MET A 404 -19.27 10.69 46.76
CA MET A 404 -18.33 11.10 45.70
C MET A 404 -16.89 11.24 46.19
N LYS A 405 -15.95 11.00 45.27
CA LYS A 405 -14.54 11.28 45.57
C LYS A 405 -13.69 11.51 44.32
N MET B 8 18.65 -39.47 -9.93
CA MET B 8 17.73 -38.39 -9.49
C MET B 8 16.91 -37.83 -10.65
N LYS B 9 15.87 -37.12 -10.30
CA LYS B 9 14.83 -36.78 -11.26
C LYS B 9 14.07 -35.50 -10.91
N ILE B 10 13.69 -34.76 -11.94
CA ILE B 10 13.08 -33.47 -11.73
C ILE B 10 12.04 -33.10 -12.77
N ILE B 11 10.93 -32.56 -12.28
CA ILE B 11 9.86 -32.00 -13.07
C ILE B 11 9.94 -30.48 -12.96
N ILE B 12 10.16 -29.84 -14.10
CA ILE B 12 10.19 -28.39 -14.20
C ILE B 12 8.85 -27.95 -14.80
N ALA B 13 8.09 -27.20 -14.02
CA ALA B 13 6.79 -26.76 -14.45
C ALA B 13 6.88 -25.26 -14.50
N GLY B 14 6.62 -24.67 -15.68
CA GLY B 14 6.72 -23.22 -15.80
C GLY B 14 6.94 -22.70 -17.21
N LYS B 15 7.62 -21.58 -17.27
CA LYS B 15 7.72 -20.80 -18.47
C LYS B 15 8.92 -19.84 -18.39
N ASN B 16 9.30 -19.30 -19.54
CA ASN B 16 10.12 -18.12 -19.66
C ASN B 16 11.55 -18.42 -19.33
N ASP B 17 12.37 -17.38 -19.32
CA ASP B 17 13.83 -17.53 -19.22
C ASP B 17 14.27 -18.27 -17.96
N ILE B 18 13.60 -18.08 -16.84
CA ILE B 18 14.06 -18.78 -15.64
C ILE B 18 13.96 -20.31 -15.80
N ALA B 19 12.86 -20.77 -16.39
CA ALA B 19 12.69 -22.20 -16.60
C ALA B 19 13.76 -22.77 -17.58
N VAL B 20 13.98 -22.03 -18.65
CA VAL B 20 15.07 -22.35 -19.59
C VAL B 20 16.44 -22.37 -18.89
N ASN B 21 16.71 -21.34 -18.10
CA ASN B 21 18.03 -21.14 -17.55
C ASN B 21 18.34 -22.24 -16.57
N VAL B 22 17.40 -22.54 -15.70
CA VAL B 22 17.58 -23.62 -14.74
C VAL B 22 17.73 -24.96 -15.44
N THR B 23 16.88 -25.22 -16.45
CA THR B 23 16.96 -26.45 -17.24
C THR B 23 18.32 -26.54 -17.95
N ARG B 24 18.68 -25.50 -18.70
CA ARG B 24 20.00 -25.44 -19.28
C ARG B 24 21.08 -25.78 -18.25
N TRP B 25 21.05 -25.12 -17.10
CA TRP B 25 22.10 -25.28 -16.11
C TRP B 25 22.19 -26.73 -15.68
N LEU B 26 21.03 -27.34 -15.46
CA LEU B 26 20.97 -28.74 -15.08
C LEU B 26 21.57 -29.68 -16.16
N GLN B 27 21.25 -29.46 -17.43
CA GLN B 27 21.82 -30.30 -18.49
C GLN B 27 23.35 -30.21 -18.60
N LYS B 28 23.93 -29.06 -18.26
CA LYS B 28 25.38 -28.89 -18.21
C LYS B 28 25.98 -29.43 -16.90
N LYS B 29 25.50 -28.96 -15.75
CA LYS B 29 26.18 -29.25 -14.50
C LYS B 29 25.68 -30.50 -13.78
N LYS B 30 24.63 -31.13 -14.26
CA LYS B 30 24.06 -32.30 -13.63
C LYS B 30 23.46 -33.20 -14.71
N LYS B 31 24.30 -33.59 -15.65
CA LYS B 31 23.88 -34.27 -16.87
C LYS B 31 23.32 -35.67 -16.59
N ASN B 32 23.57 -36.23 -15.40
CA ASN B 32 22.90 -37.45 -15.00
C ASN B 32 21.44 -37.32 -14.53
N ILE B 33 20.94 -36.11 -14.27
CA ILE B 33 19.54 -35.93 -13.82
C ILE B 33 18.56 -36.06 -14.98
N GLU B 34 17.46 -36.81 -14.81
CA GLU B 34 16.41 -36.88 -15.84
C GLU B 34 15.46 -35.72 -15.64
N ILE B 35 15.09 -35.04 -16.72
CA ILE B 35 14.16 -33.94 -16.61
C ILE B 35 12.86 -34.15 -17.38
N TYR B 36 11.74 -33.86 -16.71
CA TYR B 36 10.42 -33.83 -17.36
C TYR B 36 10.02 -32.39 -17.24
N ALA B 37 9.25 -31.91 -18.22
CA ALA B 37 8.73 -30.54 -18.14
C ALA B 37 7.23 -30.56 -18.17
N ILE B 38 6.62 -29.55 -17.56
CA ILE B 38 5.25 -29.15 -17.88
C ILE B 38 5.34 -27.70 -18.35
N CYS B 39 4.61 -27.35 -19.41
CA CYS B 39 4.64 -25.97 -19.92
C CYS B 39 3.30 -25.33 -19.67
N ASN B 40 3.25 -24.02 -19.51
CA ASN B 40 1.99 -23.33 -19.32
C ASN B 40 1.21 -23.31 -20.66
N ALA B 41 -0.10 -23.39 -20.56
CA ALA B 41 -0.96 -23.59 -21.72
C ALA B 41 -0.70 -22.53 -22.74
N ASN B 42 -0.55 -21.30 -22.31
CA ASN B 42 -0.38 -20.17 -23.19
C ASN B 42 1.05 -19.94 -23.70
N ASP B 43 1.94 -20.91 -23.49
CA ASP B 43 3.25 -20.92 -24.12
C ASP B 43 2.99 -21.23 -25.61
N THR B 44 3.39 -20.30 -26.47
CA THR B 44 3.14 -20.46 -27.90
C THR B 44 4.17 -21.34 -28.58
N GLY B 45 5.23 -21.77 -27.90
CA GLY B 45 6.35 -22.43 -28.55
C GLY B 45 7.27 -21.55 -29.36
N ILE B 46 7.07 -20.24 -29.36
CA ILE B 46 7.89 -19.34 -30.17
C ILE B 46 8.60 -18.34 -29.25
N ASP B 47 9.91 -18.19 -29.39
CA ASP B 47 10.61 -17.20 -28.56
C ASP B 47 10.12 -15.79 -28.85
N THR B 48 9.93 -14.98 -27.80
CA THR B 48 9.72 -13.54 -27.96
C THR B 48 10.85 -12.84 -27.22
N PHE B 49 10.60 -11.69 -26.57
CA PHE B 49 11.60 -11.09 -25.69
C PHE B 49 11.87 -11.94 -24.47
N GLN B 50 10.99 -12.90 -24.20
CA GLN B 50 11.22 -14.02 -23.27
C GLN B 50 11.40 -15.29 -24.11
N ARG B 51 12.32 -16.18 -23.71
CA ARG B 51 12.40 -17.49 -24.39
C ARG B 51 11.17 -18.36 -24.07
N SER B 52 10.76 -19.18 -25.03
CA SER B 52 9.75 -20.22 -24.86
C SER B 52 10.39 -21.47 -24.24
N PHE B 53 9.88 -21.83 -23.06
CA PHE B 53 10.24 -23.07 -22.41
C PHE B 53 9.84 -24.30 -23.24
N LYS B 54 8.60 -24.28 -23.76
CA LYS B 54 8.12 -25.36 -24.62
C LYS B 54 9.06 -25.61 -25.77
N LYS B 55 9.44 -24.53 -26.42
CA LYS B 55 10.38 -24.62 -27.51
C LYS B 55 11.69 -25.23 -27.07
N TYR B 56 12.23 -24.79 -25.94
CA TYR B 56 13.52 -25.30 -25.49
C TYR B 56 13.38 -26.79 -25.24
N CYS B 57 12.30 -27.19 -24.57
CA CYS B 57 12.07 -28.60 -24.26
C CYS B 57 12.00 -29.46 -25.53
N LYS B 58 11.25 -29.03 -26.55
CA LYS B 58 11.16 -29.83 -27.78
C LYS B 58 12.49 -29.94 -28.50
N ASP B 59 13.26 -28.86 -28.44
CA ASP B 59 14.52 -28.83 -29.18
C ASP B 59 15.53 -29.69 -28.45
N ASN B 60 15.37 -29.84 -27.15
CA ASN B 60 16.29 -30.64 -26.38
C ASN B 60 15.73 -32.00 -25.99
N LEU B 61 14.59 -32.34 -26.57
CA LEU B 61 13.96 -33.65 -26.44
C LEU B 61 13.70 -33.92 -24.97
N ILE B 62 13.30 -32.86 -24.27
CA ILE B 62 12.85 -33.00 -22.90
C ILE B 62 11.37 -33.37 -22.97
N PRO B 63 10.97 -34.48 -22.33
CA PRO B 63 9.56 -34.90 -22.42
C PRO B 63 8.63 -33.95 -21.68
N ILE B 64 7.51 -33.66 -22.34
CA ILE B 64 6.49 -32.77 -21.83
C ILE B 64 5.30 -33.59 -21.36
N ILE B 65 4.99 -33.40 -20.09
CA ILE B 65 4.00 -34.17 -19.36
C ILE B 65 3.03 -33.16 -18.75
N SER B 66 2.00 -33.73 -18.12
CA SER B 66 0.86 -33.01 -17.55
C SER B 66 0.92 -33.16 -16.06
N LEU B 67 0.19 -32.26 -15.39
CA LEU B 67 -0.02 -32.38 -13.96
C LEU B 67 -0.44 -33.78 -13.49
N ALA B 68 -1.39 -34.39 -14.20
CA ALA B 68 -1.89 -35.74 -13.85
C ALA B 68 -0.76 -36.78 -13.83
N GLU B 69 0.12 -36.71 -14.83
CA GLU B 69 1.29 -37.58 -14.87
C GLU B 69 2.28 -37.31 -13.73
N ALA B 70 2.53 -36.03 -13.45
CA ALA B 70 3.49 -35.63 -12.43
C ALA B 70 3.14 -36.19 -11.05
N TYR B 71 1.84 -36.24 -10.70
CA TYR B 71 1.40 -36.85 -9.42
C TYR B 71 1.90 -38.30 -9.22
N LYS B 72 2.01 -39.06 -10.30
CA LYS B 72 2.42 -40.44 -10.26
C LYS B 72 3.93 -40.73 -10.21
N ILE B 73 4.81 -39.76 -10.46
CA ILE B 73 6.24 -40.05 -10.45
C ILE B 73 6.84 -39.89 -9.06
N ASP B 74 6.93 -41.00 -8.33
CA ASP B 74 7.25 -40.92 -6.91
C ASP B 74 8.64 -40.46 -6.55
N ASP B 75 9.61 -40.61 -7.44
CA ASP B 75 11.01 -40.30 -7.10
C ASP B 75 11.51 -39.01 -7.75
N ALA B 76 10.58 -38.09 -8.02
CA ALA B 76 10.91 -36.79 -8.58
C ALA B 76 10.72 -35.73 -7.52
N ILE B 77 11.47 -34.64 -7.65
CA ILE B 77 11.06 -33.39 -7.07
C ILE B 77 10.30 -32.59 -8.13
N PHE B 78 9.51 -31.66 -7.66
CA PHE B 78 8.60 -30.89 -8.51
C PHE B 78 8.93 -29.44 -8.25
N LEU B 79 9.44 -28.78 -9.29
CA LEU B 79 9.90 -27.40 -9.25
C LEU B 79 9.10 -26.52 -10.19
N SER B 80 8.32 -25.64 -9.59
CA SER B 80 7.50 -24.65 -10.28
C SER B 80 8.28 -23.36 -10.44
N LEU B 81 8.44 -22.99 -11.69
CA LEU B 81 9.12 -21.75 -12.07
C LEU B 81 8.12 -20.89 -12.83
N GLU B 82 7.22 -20.31 -12.04
CA GLU B 82 6.05 -19.56 -12.53
C GLU B 82 5.00 -20.45 -13.18
N PHE B 83 4.87 -21.69 -12.70
CA PHE B 83 3.78 -22.55 -13.15
C PHE B 83 2.43 -21.90 -12.82
N ASP B 84 1.51 -21.92 -13.77
CA ASP B 84 0.24 -21.22 -13.61
C ASP B 84 -0.94 -22.03 -13.04
N LYS B 85 -0.75 -23.29 -12.61
CA LYS B 85 -1.90 -24.13 -12.21
C LYS B 85 -1.83 -24.50 -10.74
N ILE B 86 -2.98 -24.52 -10.08
CA ILE B 86 -3.05 -24.95 -8.68
C ILE B 86 -2.88 -26.46 -8.74
N VAL B 87 -2.06 -26.95 -7.82
CA VAL B 87 -1.66 -28.34 -7.73
C VAL B 87 -2.37 -28.87 -6.45
N GLN B 88 -2.61 -30.18 -6.36
CA GLN B 88 -2.98 -30.87 -5.10
C GLN B 88 -1.75 -31.37 -4.33
N PRO B 89 -1.28 -30.58 -3.33
CA PRO B 89 0.00 -30.97 -2.74
C PRO B 89 0.04 -32.39 -2.20
N SER B 90 -1.00 -32.77 -1.47
CA SER B 90 -1.01 -34.07 -0.78
C SER B 90 -1.19 -35.26 -1.71
N LYS B 91 -1.59 -35.00 -2.94
CA LYS B 91 -1.77 -36.05 -3.91
C LYS B 91 -0.44 -36.64 -4.36
N PHE B 92 0.62 -35.84 -4.35
CA PHE B 92 1.95 -36.38 -4.58
C PHE B 92 2.27 -37.32 -3.44
N ASN B 93 3.01 -38.39 -3.75
CA ASN B 93 3.45 -39.33 -2.72
C ASN B 93 4.71 -38.92 -2.01
N HIS B 94 5.20 -37.73 -2.33
CA HIS B 94 6.31 -37.08 -1.64
C HIS B 94 5.90 -35.61 -1.38
N ASN B 95 6.72 -34.90 -0.64
CA ASN B 95 6.49 -33.50 -0.38
C ASN B 95 7.64 -32.57 -0.82
N GLU B 96 8.41 -33.02 -1.79
CA GLU B 96 9.45 -32.22 -2.43
C GLU B 96 8.79 -31.35 -3.53
N LEU B 97 8.12 -30.29 -3.08
CA LEU B 97 7.28 -29.46 -3.94
C LEU B 97 7.63 -28.01 -3.73
N PHE B 98 8.21 -27.41 -4.78
CA PHE B 98 8.91 -26.15 -4.71
C PHE B 98 8.44 -25.16 -5.78
N ASN B 99 8.57 -23.89 -5.44
CA ASN B 99 8.15 -22.80 -6.29
C ASN B 99 9.07 -21.64 -6.03
N ILE B 100 9.42 -20.98 -7.13
CA ILE B 100 10.04 -19.66 -7.11
C ILE B 100 8.98 -18.60 -7.39
N HIS B 101 8.91 -17.65 -6.49
CA HIS B 101 7.98 -16.56 -6.56
C HIS B 101 8.76 -15.26 -6.54
N PHE B 102 8.31 -14.33 -7.38
CA PHE B 102 9.04 -13.09 -7.62
C PHE B 102 8.57 -11.99 -6.67
N SER B 103 8.73 -12.22 -5.37
CA SER B 103 8.55 -11.22 -4.32
C SER B 103 9.34 -11.66 -3.08
N TYR B 104 9.43 -10.77 -2.08
CA TYR B 104 9.98 -11.12 -0.76
C TYR B 104 8.71 -11.50 0.02
N LEU B 105 8.33 -12.78 0.01
CA LEU B 105 7.15 -13.23 0.69
C LEU B 105 7.26 -13.02 2.21
N PRO B 106 6.17 -12.79 2.92
CA PRO B 106 4.79 -12.89 2.44
C PRO B 106 4.13 -11.70 1.71
N LYS B 107 4.91 -10.64 1.41
CA LYS B 107 4.41 -9.53 0.62
C LYS B 107 4.36 -9.86 -0.87
N TYR B 108 3.39 -9.27 -1.54
CA TYR B 108 3.34 -9.30 -2.98
C TYR B 108 3.18 -10.74 -3.49
N LYS B 109 2.31 -11.48 -2.83
CA LYS B 109 1.68 -12.67 -3.40
C LYS B 109 0.89 -12.33 -4.68
N GLY B 110 0.71 -13.32 -5.55
CA GLY B 110 -0.02 -13.14 -6.80
C GLY B 110 0.75 -12.58 -7.99
N MET B 111 0.15 -11.56 -8.60
CA MET B 111 0.44 -11.06 -9.95
C MET B 111 1.16 -9.71 -9.95
N TYR B 112 1.83 -9.46 -11.09
CA TYR B 112 2.41 -8.19 -11.46
C TYR B 112 3.38 -7.68 -10.43
N THR B 113 4.26 -8.58 -9.99
CA THR B 113 5.18 -8.28 -8.89
C THR B 113 6.33 -7.36 -9.29
N SER B 114 6.51 -7.17 -10.59
CA SER B 114 7.42 -6.15 -11.09
CA SER B 114 7.42 -6.15 -11.11
C SER B 114 6.81 -4.74 -11.03
N ALA B 115 5.48 -4.65 -10.91
CA ALA B 115 4.77 -3.36 -10.86
C ALA B 115 4.38 -2.88 -9.46
N TRP B 116 3.55 -3.66 -8.76
CA TRP B 116 2.99 -3.22 -7.50
C TRP B 116 4.05 -2.68 -6.50
N PRO B 117 5.18 -3.35 -6.35
CA PRO B 117 6.07 -2.79 -5.33
C PRO B 117 6.58 -1.40 -5.67
N ILE B 118 6.75 -1.13 -6.97
CA ILE B 118 7.23 0.17 -7.41
C ILE B 118 6.09 1.16 -7.20
N LEU B 119 4.89 0.79 -7.64
CA LEU B 119 3.70 1.62 -7.44
C LEU B 119 3.55 2.05 -5.99
N ASN B 120 3.74 1.12 -5.07
CA ASN B 120 3.53 1.41 -3.66
C ASN B 120 4.69 2.12 -3.00
N GLY B 121 5.76 2.39 -3.73
CA GLY B 121 6.84 3.19 -3.18
C GLY B 121 7.85 2.39 -2.38
N GLU B 122 7.98 1.10 -2.69
CA GLU B 122 8.89 0.26 -1.98
C GLU B 122 10.29 0.58 -2.50
N ASP B 123 11.27 0.42 -1.60
CA ASP B 123 12.69 0.53 -1.85
C ASP B 123 13.33 -0.81 -2.16
N THR B 124 12.64 -1.88 -1.77
CA THR B 124 13.15 -3.24 -1.96
C THR B 124 12.04 -4.24 -2.34
N SER B 125 12.45 -5.41 -2.78
CA SER B 125 11.57 -6.51 -3.06
C SER B 125 12.48 -7.73 -2.94
N GLY B 126 12.17 -8.78 -3.68
CA GLY B 126 13.09 -9.93 -3.72
C GLY B 126 12.51 -11.12 -4.43
N VAL B 127 13.15 -12.27 -4.20
CA VAL B 127 12.63 -13.55 -4.72
C VAL B 127 12.67 -14.58 -3.59
N THR B 128 11.76 -15.55 -3.68
CA THR B 128 11.53 -16.52 -2.61
C THR B 128 11.36 -17.91 -3.19
N LEU B 129 12.12 -18.81 -2.59
CA LEU B 129 12.05 -20.21 -2.89
C LEU B 129 11.30 -20.82 -1.71
N HIS B 130 10.15 -21.41 -2.01
CA HIS B 130 9.28 -21.93 -0.97
C HIS B 130 8.58 -23.23 -1.36
N LYS B 131 7.88 -23.81 -0.38
CA LYS B 131 7.13 -25.06 -0.57
C LYS B 131 5.83 -24.72 -1.30
N ILE B 132 5.33 -25.60 -2.14
CA ILE B 132 3.97 -25.45 -2.66
C ILE B 132 3.02 -26.06 -1.63
N ASP B 133 2.09 -25.25 -1.14
CA ASP B 133 1.17 -25.67 -0.10
C ASP B 133 -0.21 -25.10 -0.37
N HIS B 134 -1.13 -25.42 0.53
CA HIS B 134 -2.46 -24.84 0.48
C HIS B 134 -2.38 -23.33 0.56
N GLY B 135 -3.37 -22.72 -0.08
CA GLY B 135 -3.35 -21.28 -0.36
C GLY B 135 -2.72 -21.02 -1.72
N ILE B 136 -2.35 -19.76 -1.90
CA ILE B 136 -1.61 -19.32 -3.05
C ILE B 136 -0.41 -18.59 -2.49
N ASP B 137 0.77 -18.93 -3.03
CA ASP B 137 2.06 -18.34 -2.68
C ASP B 137 2.36 -18.33 -1.17
N THR B 138 1.84 -19.31 -0.45
CA THR B 138 1.80 -19.29 1.02
C THR B 138 2.69 -20.35 1.70
N GLY B 139 3.23 -21.30 0.94
CA GLY B 139 3.97 -22.40 1.52
C GLY B 139 5.25 -21.93 2.21
N ALA B 140 5.74 -22.74 3.12
CA ALA B 140 6.89 -22.39 3.96
C ALA B 140 8.14 -21.97 3.14
N ILE B 141 8.89 -21.02 3.69
CA ILE B 141 9.99 -20.41 2.99
C ILE B 141 11.22 -21.25 3.15
N ILE B 142 11.98 -21.40 2.08
CA ILE B 142 13.23 -22.14 2.18
C ILE B 142 14.44 -21.24 2.04
N ALA B 143 14.42 -20.35 1.04
CA ALA B 143 15.45 -19.37 0.89
C ALA B 143 14.86 -18.17 0.16
N GLN B 144 15.35 -16.99 0.54
CA GLN B 144 14.95 -15.72 -0.04
C GLN B 144 16.19 -14.89 -0.41
N LYS B 145 16.08 -14.03 -1.41
CA LYS B 145 17.10 -13.06 -1.69
C LYS B 145 16.43 -11.70 -1.71
N GLU B 146 16.96 -10.75 -0.93
CA GLU B 146 16.49 -9.37 -1.03
C GLU B 146 17.06 -8.65 -2.28
N ILE B 147 16.22 -7.84 -2.90
CA ILE B 147 16.60 -7.05 -4.04
C ILE B 147 16.27 -5.59 -3.77
N ILE B 148 17.29 -4.77 -3.99
CA ILE B 148 17.21 -3.32 -3.83
C ILE B 148 16.69 -2.83 -5.18
N ILE B 149 15.65 -2.00 -5.14
CA ILE B 149 15.00 -1.39 -6.29
C ILE B 149 15.53 0.03 -6.17
N GLN B 150 16.42 0.37 -7.10
CA GLN B 150 17.02 1.70 -7.21
C GLN B 150 15.96 2.73 -7.66
N PRO B 151 16.12 4.00 -7.24
CA PRO B 151 15.12 5.04 -7.54
C PRO B 151 14.85 5.21 -9.03
N PHE B 152 15.87 4.98 -9.83
CA PHE B 152 15.75 5.12 -11.30
C PHE B 152 15.17 3.90 -12.08
N GLU B 153 14.95 2.78 -11.41
CA GLU B 153 14.67 1.47 -12.03
C GLU B 153 13.20 1.31 -12.37
N THR B 154 12.93 0.72 -13.53
CA THR B 154 11.56 0.51 -14.01
C THR B 154 11.09 -0.90 -13.68
N ALA B 155 9.83 -1.16 -14.01
CA ALA B 155 9.29 -2.50 -13.96
C ALA B 155 10.17 -3.53 -14.67
N LYS B 156 10.65 -3.13 -15.84
CA LYS B 156 11.47 -4.00 -16.64
C LYS B 156 12.80 -4.29 -15.91
N ASP B 157 13.48 -3.26 -15.43
CA ASP B 157 14.67 -3.51 -14.61
C ASP B 157 14.43 -4.50 -13.46
N LEU B 158 13.34 -4.34 -12.76
CA LEU B 158 13.03 -5.22 -11.64
C LEU B 158 12.72 -6.68 -12.10
N TYR B 159 11.92 -6.81 -13.17
CA TYR B 159 11.64 -8.14 -13.72
C TYR B 159 12.95 -8.88 -14.04
N GLU B 160 13.90 -8.18 -14.60
CA GLU B 160 15.21 -8.78 -14.93
C GLU B 160 16.02 -9.19 -13.71
N LYS B 161 16.04 -8.36 -12.68
CA LYS B 161 16.56 -8.81 -11.41
C LYS B 161 15.85 -10.07 -10.88
N TYR B 162 14.54 -10.16 -11.09
CA TYR B 162 13.79 -11.33 -10.60
C TYR B 162 14.28 -12.60 -11.31
N ILE B 163 14.41 -12.51 -12.64
CA ILE B 163 14.85 -13.62 -13.46
C ILE B 163 16.24 -14.07 -12.99
N SER B 164 17.11 -13.08 -12.86
CA SER B 164 18.49 -13.30 -12.60
C SER B 164 18.64 -13.89 -11.20
N GLU B 165 18.02 -13.22 -10.24
CA GLU B 165 18.17 -13.62 -8.86
C GLU B 165 17.43 -14.90 -8.55
N GLY B 166 16.27 -15.07 -9.16
CA GLY B 166 15.54 -16.33 -8.99
C GLY B 166 16.29 -17.53 -9.54
N THR B 167 16.90 -17.35 -10.72
CA THR B 167 17.74 -18.39 -11.33
C THR B 167 18.86 -18.81 -10.35
N SER B 168 19.60 -17.81 -9.87
CA SER B 168 20.66 -18.03 -8.89
C SER B 168 20.16 -18.61 -7.58
N LEU B 169 18.98 -18.19 -7.12
CA LEU B 169 18.41 -18.80 -5.92
C LEU B 169 18.27 -20.29 -6.12
N VAL B 170 17.78 -20.70 -7.27
CA VAL B 170 17.58 -22.09 -7.54
C VAL B 170 18.91 -22.84 -7.51
N ILE B 171 19.81 -22.35 -8.35
CA ILE B 171 21.16 -22.94 -8.47
C ILE B 171 21.90 -23.03 -7.13
N ASP B 172 21.85 -21.95 -6.37
CA ASP B 172 22.48 -21.93 -5.03
C ASP B 172 21.92 -23.00 -4.09
N ASN B 173 20.66 -23.38 -4.25
CA ASN B 173 19.97 -24.30 -3.35
C ASN B 173 19.62 -25.69 -3.94
N ILE B 174 19.93 -25.93 -5.21
CA ILE B 174 19.49 -27.15 -5.90
C ILE B 174 19.92 -28.45 -5.17
N SER B 175 21.11 -28.53 -4.56
CA SER B 175 21.49 -29.75 -3.83
C SER B 175 20.55 -30.05 -2.70
N THR B 176 20.29 -29.04 -1.88
CA THR B 176 19.37 -29.22 -0.77
C THR B 176 18.05 -29.72 -1.33
N LEU B 177 17.58 -29.19 -2.46
CA LEU B 177 16.27 -29.62 -2.99
C LEU B 177 16.27 -31.09 -3.39
N LEU B 178 17.36 -31.55 -4.00
CA LEU B 178 17.44 -32.91 -4.51
C LEU B 178 17.73 -33.94 -3.45
N ASN B 179 18.17 -33.49 -2.27
CA ASN B 179 18.62 -34.38 -1.19
C ASN B 179 17.93 -34.11 0.16
N SER B 180 16.73 -33.53 0.15
CA SER B 180 15.99 -33.23 1.39
C SER B 180 16.85 -32.68 2.53
N GLU B 181 17.53 -31.58 2.27
CA GLU B 181 18.49 -31.01 3.17
C GLU B 181 18.29 -29.50 3.33
N TYR B 182 17.04 -29.06 3.12
CA TYR B 182 16.69 -27.63 3.22
C TYR B 182 16.04 -27.42 4.57
N VAL B 183 15.81 -26.17 4.92
CA VAL B 183 15.22 -25.80 6.20
C VAL B 183 14.01 -24.95 5.86
N GLU B 184 12.84 -25.31 6.39
CA GLU B 184 11.58 -24.59 6.14
C GLU B 184 11.22 -23.66 7.31
N LYS B 185 10.71 -22.46 7.03
CA LYS B 185 10.11 -21.54 8.02
C LYS B 185 8.75 -21.16 7.47
N GLU B 186 7.67 -21.44 8.22
CA GLU B 186 6.32 -21.14 7.76
C GLU B 186 6.23 -19.64 7.65
N GLN B 187 5.41 -19.16 6.73
CA GLN B 187 5.33 -17.71 6.54
C GLN B 187 4.46 -17.08 7.62
N ASN B 188 4.79 -15.86 7.96
CA ASN B 188 3.90 -15.02 8.72
C ASN B 188 2.76 -14.52 7.86
N ILE B 189 1.75 -14.08 8.58
CA ILE B 189 0.47 -13.60 8.07
C ILE B 189 0.53 -12.09 8.02
N LYS B 190 1.21 -11.49 9.02
CA LYS B 190 1.31 -10.05 9.14
C LYS B 190 2.04 -9.40 7.96
N TYR B 191 1.45 -8.34 7.40
CA TYR B 191 1.97 -7.62 6.24
C TYR B 191 1.84 -8.35 4.91
N SER B 192 1.38 -9.60 4.93
CA SER B 192 0.87 -10.29 3.76
C SER B 192 0.20 -9.34 2.83
N SER B 193 0.44 -9.47 1.53
CA SER B 193 -0.34 -8.76 0.54
C SER B 193 -0.52 -9.71 -0.61
N TYR B 194 -1.56 -9.41 -1.40
CA TYR B 194 -1.81 -10.14 -2.65
C TYR B 194 -2.52 -9.23 -3.67
N TYR B 195 -2.14 -9.32 -4.94
CA TYR B 195 -2.80 -8.62 -6.04
C TYR B 195 -3.23 -9.59 -7.15
N SER B 196 -4.50 -9.60 -7.52
CA SER B 196 -4.93 -10.39 -8.68
C SER B 196 -4.54 -9.76 -10.02
N LYS B 197 -4.85 -10.45 -11.11
CA LYS B 197 -4.66 -9.93 -12.44
C LYS B 197 -5.71 -8.82 -12.75
N LYS B 198 -6.76 -8.72 -11.94
CA LYS B 198 -7.72 -7.66 -12.13
C LYS B 198 -7.29 -6.34 -11.56
N THR B 199 -6.24 -6.32 -10.73
CA THR B 199 -5.84 -5.10 -10.08
C THR B 199 -5.13 -4.09 -11.00
N ILE B 200 -4.64 -4.54 -12.16
CA ILE B 200 -4.14 -3.67 -13.21
C ILE B 200 -4.75 -4.13 -14.54
N ASP B 201 -5.24 -3.17 -15.32
CA ASP B 201 -5.77 -3.46 -16.65
C ASP B 201 -4.82 -2.90 -17.67
N TYR B 202 -3.95 -3.76 -18.17
CA TYR B 202 -2.91 -3.31 -19.05
C TYR B 202 -3.48 -2.91 -20.41
N SER B 203 -4.62 -3.48 -20.82
CA SER B 203 -5.27 -2.99 -22.04
C SER B 203 -5.94 -1.61 -21.92
N ASN B 204 -5.99 -1.00 -20.73
CA ASN B 204 -6.54 0.35 -20.58
C ASN B 204 -5.77 1.09 -19.54
N LEU B 205 -4.45 1.14 -19.69
CA LEU B 205 -3.62 1.86 -18.72
C LEU B 205 -3.77 3.38 -18.81
N GLU B 206 -4.16 4.02 -17.71
CA GLU B 206 -4.13 5.47 -17.62
C GLU B 206 -3.29 5.97 -16.44
N LEU B 207 -2.43 6.95 -16.67
CA LEU B 207 -1.73 7.55 -15.56
C LEU B 207 -2.77 8.26 -14.69
N ASN B 208 -2.58 8.20 -13.37
CA ASN B 208 -3.40 8.96 -12.43
C ASN B 208 -2.63 10.14 -11.85
N PHE B 209 -3.07 11.33 -12.23
CA PHE B 209 -2.46 12.59 -11.77
C PHE B 209 -3.08 13.14 -10.49
N SER B 210 -4.17 12.59 -9.97
CA SER B 210 -4.61 13.02 -8.64
C SER B 210 -3.80 12.30 -7.60
N LYS B 211 -2.49 12.53 -7.67
CA LYS B 211 -1.52 11.84 -6.85
C LYS B 211 -0.38 12.81 -6.66
N THR B 212 0.54 12.45 -5.76
CA THR B 212 1.72 13.25 -5.49
C THR B 212 2.77 13.04 -6.60
N ALA B 213 3.78 13.90 -6.62
CA ALA B 213 4.85 13.74 -7.55
C ALA B 213 5.53 12.36 -7.40
N PHE B 214 5.69 11.90 -6.16
CA PHE B 214 6.38 10.66 -5.83
C PHE B 214 5.58 9.51 -6.43
N GLU B 215 4.28 9.53 -6.23
CA GLU B 215 3.42 8.48 -6.75
C GLU B 215 3.39 8.38 -8.25
N ILE B 216 3.48 9.54 -8.91
CA ILE B 216 3.27 9.59 -10.34
C ILE B 216 4.54 9.13 -11.06
N ILE B 217 5.68 9.57 -10.56
CA ILE B 217 6.95 9.02 -10.99
C ILE B 217 7.02 7.50 -10.75
N ASN B 218 6.54 7.03 -9.62
CA ASN B 218 6.45 5.60 -9.39
C ASN B 218 5.45 4.92 -10.32
N GLN B 219 4.38 5.58 -10.73
CA GLN B 219 3.54 5.05 -11.82
C GLN B 219 4.30 4.90 -13.13
N LEU B 220 5.07 5.94 -13.46
CA LEU B 220 5.82 5.90 -14.72
C LEU B 220 6.71 4.68 -14.75
N ARG B 221 7.57 4.58 -13.75
CA ARG B 221 8.48 3.48 -13.57
C ARG B 221 7.78 2.12 -13.69
N ALA B 222 6.66 2.01 -12.97
CA ALA B 222 5.97 0.75 -12.87
C ALA B 222 5.42 0.32 -14.21
N PHE B 223 5.02 1.30 -15.01
CA PHE B 223 4.35 1.04 -16.29
C PHE B 223 5.30 1.05 -17.48
N THR B 224 6.59 1.20 -17.22
CA THR B 224 7.59 1.36 -18.27
C THR B 224 8.19 0.00 -18.50
N PHE B 225 7.64 -0.71 -19.47
CA PHE B 225 8.11 -2.08 -19.80
C PHE B 225 7.90 -2.24 -21.30
N ARG B 226 8.87 -1.69 -22.04
CA ARG B 226 8.64 -1.31 -23.43
C ARG B 226 7.98 -2.41 -24.27
N GLU B 227 8.39 -3.64 -24.02
CA GLU B 227 8.01 -4.77 -24.86
C GLU B 227 6.53 -5.14 -24.62
N TYR B 228 5.94 -4.66 -23.52
CA TYR B 228 4.49 -4.63 -23.33
C TYR B 228 3.90 -3.26 -23.67
N GLN B 229 4.37 -2.24 -22.96
CA GLN B 229 3.88 -0.86 -23.19
C GLN B 229 4.76 0.18 -22.53
N LEU B 230 4.55 1.40 -22.96
CA LEU B 230 5.03 2.53 -22.23
C LEU B 230 3.85 3.37 -21.75
N PRO B 231 4.03 4.08 -20.64
CA PRO B 231 3.00 5.05 -20.30
C PRO B 231 2.85 6.14 -21.38
N LYS B 232 1.65 6.68 -21.47
CA LYS B 232 1.21 7.62 -22.49
C LYS B 232 0.60 8.86 -21.83
N LEU B 233 0.91 10.05 -22.38
CA LEU B 233 0.18 11.28 -22.11
C LEU B 233 -0.15 11.89 -23.46
N ASP B 234 -1.44 12.12 -23.73
CA ASP B 234 -1.96 12.51 -25.06
C ASP B 234 -1.62 11.48 -26.11
N GLY B 235 -1.70 10.20 -25.80
CA GLY B 235 -1.25 9.17 -26.73
C GLY B 235 0.22 9.19 -27.12
N VAL B 236 0.98 10.13 -26.54
CA VAL B 236 2.43 10.25 -26.73
C VAL B 236 3.17 9.45 -25.66
N ASN B 237 4.04 8.55 -26.10
CA ASN B 237 4.85 7.75 -25.19
C ASN B 237 5.93 8.50 -24.41
N ILE B 238 6.06 8.07 -23.17
CA ILE B 238 6.91 8.69 -22.19
C ILE B 238 7.98 7.68 -21.78
N PHE B 239 9.21 8.13 -21.64
CA PHE B 239 10.20 7.27 -21.01
C PHE B 239 10.77 8.02 -19.84
N LEU B 240 10.16 7.76 -18.69
CA LEU B 240 10.57 8.33 -17.41
C LEU B 240 10.30 9.82 -17.31
N GLY B 241 10.85 10.46 -16.30
CA GLY B 241 10.41 11.80 -15.91
C GLY B 241 11.12 12.22 -14.65
N ASP B 242 10.79 13.40 -14.13
CA ASP B 242 11.44 13.90 -12.91
C ASP B 242 10.55 14.85 -12.13
N VAL B 243 10.87 15.02 -10.86
CA VAL B 243 10.12 15.92 -10.00
C VAL B 243 10.80 17.28 -10.10
N LEU B 244 9.99 18.32 -10.24
CA LEU B 244 10.48 19.70 -10.30
C LEU B 244 10.22 20.35 -8.96
N SER B 245 10.96 21.43 -8.66
CA SER B 245 10.77 22.15 -7.39
C SER B 245 9.60 23.14 -7.40
N SER B 246 9.02 23.40 -8.56
CA SER B 246 7.84 24.25 -8.64
C SER B 246 6.57 23.46 -8.35
N ARG B 247 5.52 24.23 -8.07
CA ARG B 247 4.29 23.72 -7.49
C ARG B 247 3.13 24.56 -8.06
N SER B 248 2.57 24.08 -9.17
CA SER B 248 1.50 24.77 -9.87
C SER B 248 0.18 24.75 -9.11
N ILE B 249 -0.50 25.89 -9.14
CA ILE B 249 -1.86 26.04 -8.61
C ILE B 249 -2.89 25.33 -9.48
N MET B 250 -2.54 24.90 -10.70
CA MET B 250 -3.50 24.28 -11.62
C MET B 250 -3.95 22.87 -11.18
N LYS B 251 -5.20 22.53 -11.46
CA LYS B 251 -5.72 21.22 -11.12
C LYS B 251 -4.64 20.17 -11.51
N PRO B 252 -4.39 19.15 -10.66
CA PRO B 252 -3.49 18.06 -11.06
C PRO B 252 -3.86 17.50 -12.42
N GLY B 253 -2.86 17.18 -13.24
CA GLY B 253 -3.13 16.66 -14.60
C GLY B 253 -3.17 17.69 -15.71
N SER B 254 -3.36 18.96 -15.35
CA SER B 254 -3.15 20.10 -16.24
C SER B 254 -1.75 20.18 -16.87
N ILE B 255 -1.72 20.32 -18.19
CA ILE B 255 -0.45 20.44 -18.88
C ILE B 255 0.05 21.87 -18.79
N LEU B 256 1.19 22.04 -18.18
CA LEU B 256 1.76 23.35 -17.98
C LEU B 256 2.61 23.78 -19.20
N GLU B 257 3.37 22.86 -19.77
CA GLU B 257 4.18 23.14 -20.93
C GLU B 257 4.36 21.85 -21.71
N ARG B 258 4.52 22.02 -23.02
CA ARG B 258 4.95 20.94 -23.90
C ARG B 258 5.96 21.48 -24.92
N ASN B 259 6.93 20.65 -25.27
CA ASN B 259 7.85 20.88 -26.37
C ASN B 259 8.14 19.50 -27.00
N ASP B 260 9.20 19.38 -27.79
CA ASP B 260 9.49 18.12 -28.48
C ASP B 260 10.19 17.13 -27.57
N LYS B 261 10.81 17.63 -26.51
CA LYS B 261 11.47 16.79 -25.54
C LYS B 261 10.57 16.27 -24.40
N GLU B 262 9.64 17.08 -23.93
CA GLU B 262 9.03 16.79 -22.64
C GLU B 262 7.73 17.48 -22.39
N ILE B 263 7.01 16.97 -21.41
CA ILE B 263 5.74 17.52 -20.97
C ILE B 263 5.77 17.77 -19.46
N ILE B 264 5.35 18.97 -19.06
CA ILE B 264 5.30 19.35 -17.66
C ILE B 264 3.83 19.41 -17.23
N VAL B 265 3.56 18.81 -16.08
CA VAL B 265 2.19 18.61 -15.59
C VAL B 265 2.09 18.98 -14.10
N SER B 266 0.93 19.53 -13.74
CA SER B 266 0.57 19.79 -12.33
C SER B 266 0.29 18.48 -11.59
N THR B 267 0.80 18.37 -10.35
CA THR B 267 0.35 17.31 -9.40
C THR B 267 -0.27 17.93 -8.17
N ILE B 268 -0.72 17.05 -7.28
CA ILE B 268 -1.10 17.37 -5.93
C ILE B 268 -0.04 18.22 -5.22
N ASP B 269 1.24 17.95 -5.45
CA ASP B 269 2.29 18.74 -4.81
C ASP B 269 3.26 19.31 -5.85
N TYR B 270 4.31 18.61 -6.19
CA TYR B 270 5.36 19.14 -7.05
C TYR B 270 5.06 18.83 -8.49
N ASP B 271 5.33 19.80 -9.35
CA ASP B 271 5.20 19.64 -10.78
C ASP B 271 6.13 18.50 -11.22
N VAL B 272 5.70 17.80 -12.25
CA VAL B 272 6.48 16.71 -12.82
C VAL B 272 6.80 16.97 -14.27
N VAL B 273 8.03 16.66 -14.66
CA VAL B 273 8.41 16.66 -16.11
C VAL B 273 8.37 15.21 -16.58
N LEU B 274 7.60 14.96 -17.62
CA LEU B 274 7.56 13.67 -18.30
C LEU B 274 8.38 13.76 -19.60
N TYR B 275 9.42 12.94 -19.70
CA TYR B 275 10.30 12.97 -20.88
C TYR B 275 9.69 12.14 -21.96
N LYS B 276 9.56 12.69 -23.16
CA LYS B 276 9.03 11.91 -24.27
C LYS B 276 10.04 10.82 -24.71
N ASP B 277 9.53 9.67 -25.07
CA ASP B 277 10.33 8.52 -25.49
C ASP B 277 10.99 8.78 -26.82
N ASN B 278 12.31 8.87 -26.84
CA ASN B 278 13.00 9.03 -28.12
C ASN B 278 14.01 7.87 -28.38
N PHE B 279 13.75 6.70 -27.80
CA PHE B 279 14.62 5.54 -28.01
C PHE B 279 14.93 5.26 -29.47
N LYS B 280 13.90 5.30 -30.31
CA LYS B 280 14.03 5.01 -31.72
C LYS B 280 15.06 5.88 -32.44
N GLU B 281 14.96 7.18 -32.17
CA GLU B 281 15.87 8.20 -32.66
C GLU B 281 17.27 7.91 -32.18
N ILE B 282 17.37 7.62 -30.89
CA ILE B 282 18.67 7.24 -30.29
C ILE B 282 19.35 6.02 -30.96
N LEU B 283 18.58 4.96 -31.21
CA LEU B 283 19.13 3.70 -31.76
C LEU B 283 19.65 3.92 -33.18
N GLU B 284 18.86 4.62 -33.97
CA GLU B 284 19.27 5.03 -35.32
C GLU B 284 20.59 5.80 -35.32
N ALA B 285 20.65 6.83 -34.48
CA ALA B 285 21.82 7.66 -34.37
C ALA B 285 23.07 6.89 -33.90
N CYS B 286 22.90 5.85 -33.11
CA CYS B 286 24.02 5.04 -32.62
C CYS B 286 24.82 4.37 -33.73
N LYS B 287 24.24 4.24 -34.92
CA LYS B 287 24.97 3.67 -36.05
C LYS B 287 26.25 4.41 -36.36
N TYR B 288 26.19 5.75 -36.22
CA TYR B 288 27.23 6.67 -36.71
C TYR B 288 27.54 7.90 -35.89
N SER B 289 26.81 8.18 -34.81
CA SER B 289 27.09 9.39 -34.07
C SER B 289 28.12 9.07 -32.96
N ASP B 290 28.87 10.08 -32.53
CA ASP B 290 29.79 9.91 -31.41
C ASP B 290 29.06 10.19 -30.08
N SER B 291 29.75 9.95 -28.98
CA SER B 291 29.14 10.10 -27.67
C SER B 291 28.71 11.52 -27.33
N LYS B 292 29.43 12.52 -27.82
CA LYS B 292 29.05 13.92 -27.54
C LYS B 292 27.63 14.14 -28.04
N TYR B 293 27.33 13.74 -29.27
CA TYR B 293 25.98 13.89 -29.86
C TYR B 293 24.93 13.06 -29.12
N ILE B 294 25.26 11.80 -28.86
CA ILE B 294 24.28 10.91 -28.20
C ILE B 294 23.90 11.44 -26.83
N ALA B 295 24.90 11.87 -26.06
CA ALA B 295 24.65 12.34 -24.70
C ALA B 295 23.63 13.48 -24.66
N LYS B 296 23.57 14.34 -25.67
CA LYS B 296 22.56 15.38 -25.73
C LYS B 296 21.15 14.91 -26.02
N LEU B 297 20.99 13.71 -26.55
CA LEU B 297 19.65 13.13 -26.76
C LEU B 297 19.06 12.50 -25.50
N ILE B 298 19.89 12.24 -24.50
CA ILE B 298 19.46 11.40 -23.37
C ILE B 298 18.77 12.24 -22.31
N ARG B 299 17.54 11.89 -21.94
CA ARG B 299 16.94 12.50 -20.73
C ARG B 299 16.94 11.59 -19.53
N ALA B 300 17.12 10.30 -19.76
CA ALA B 300 17.12 9.34 -18.70
C ALA B 300 18.18 8.36 -19.14
N LYS B 301 19.27 8.35 -18.40
CA LYS B 301 20.42 7.47 -18.65
C LYS B 301 20.02 6.09 -19.14
N SER B 302 19.09 5.46 -18.42
CA SER B 302 18.74 4.07 -18.66
C SER B 302 18.06 3.80 -20.01
N ILE B 303 17.67 4.84 -20.76
CA ILE B 303 17.16 4.60 -22.11
C ILE B 303 18.30 4.00 -22.98
N LEU B 304 19.54 4.22 -22.56
CA LEU B 304 20.69 3.62 -23.23
C LEU B 304 20.71 2.10 -23.25
N PHE B 305 19.91 1.46 -22.39
CA PHE B 305 19.85 0.01 -22.26
C PHE B 305 18.55 -0.63 -22.79
N GLU B 306 17.64 0.18 -23.32
CA GLU B 306 16.51 -0.40 -24.01
C GLU B 306 16.89 -1.14 -25.28
N LYS B 307 15.94 -1.95 -25.73
CA LYS B 307 16.07 -2.75 -26.93
C LYS B 307 14.87 -2.57 -27.85
N ASN B 308 15.10 -2.67 -29.15
CA ASN B 308 14.00 -2.75 -30.12
C ASN B 308 13.38 -4.14 -30.14
N ILE B 309 12.38 -4.34 -31.00
CA ILE B 309 11.64 -5.61 -31.00
C ILE B 309 12.46 -6.85 -31.30
N TYR B 310 13.62 -6.73 -31.95
CA TYR B 310 14.57 -7.83 -32.14
C TYR B 310 15.50 -8.09 -30.97
N GLY B 311 15.61 -7.13 -30.06
CA GLY B 311 16.53 -7.29 -28.93
C GLY B 311 17.80 -6.52 -29.07
N ALA B 312 17.87 -5.66 -30.09
CA ALA B 312 19.07 -4.89 -30.32
C ALA B 312 19.05 -3.64 -29.44
N SER B 313 20.11 -3.46 -28.67
CA SER B 313 20.37 -2.27 -27.88
C SER B 313 21.36 -1.31 -28.58
N PRO B 314 21.56 -0.10 -28.03
CA PRO B 314 22.57 0.83 -28.50
C PRO B 314 23.94 0.20 -28.60
N VAL B 315 24.30 -0.64 -27.64
CA VAL B 315 25.66 -1.19 -27.69
C VAL B 315 25.81 -2.22 -28.83
N ILE B 316 24.74 -2.96 -29.08
CA ILE B 316 24.69 -3.82 -30.27
C ILE B 316 24.73 -3.11 -31.63
N VAL B 317 23.97 -2.02 -31.73
CA VAL B 317 23.95 -1.30 -32.98
C VAL B 317 25.32 -0.71 -33.16
N ALA B 318 25.90 -0.13 -32.10
CA ALA B 318 27.23 0.41 -32.20
C ALA B 318 28.25 -0.66 -32.66
N ALA B 319 28.23 -1.84 -32.06
CA ALA B 319 29.16 -2.91 -32.41
C ALA B 319 29.00 -3.34 -33.84
N TYR B 320 27.74 -3.47 -34.25
CA TYR B 320 27.45 -3.83 -35.62
C TYR B 320 28.06 -2.83 -36.59
N HIS B 321 28.04 -1.55 -36.24
CA HIS B 321 28.61 -0.52 -37.10
C HIS B 321 30.07 -0.16 -36.80
N GLY B 322 30.74 -0.97 -35.99
CA GLY B 322 32.10 -0.68 -35.57
C GLY B 322 32.25 0.69 -34.93
N ASN B 323 31.27 1.16 -34.16
CA ASN B 323 31.35 2.49 -33.59
C ASN B 323 31.94 2.39 -32.21
N ILE B 324 33.24 2.11 -32.18
CA ILE B 324 33.97 1.79 -30.95
C ILE B 324 34.01 2.98 -29.98
N GLU B 325 34.16 4.19 -30.49
CA GLU B 325 34.19 5.38 -29.61
C GLU B 325 32.92 5.39 -28.77
N LEU B 326 31.79 5.12 -29.40
CA LEU B 326 30.51 5.13 -28.67
C LEU B 326 30.30 3.93 -27.73
N ILE B 327 30.81 2.76 -28.11
CA ILE B 327 30.80 1.60 -27.24
C ILE B 327 31.49 1.87 -25.89
N LYS B 328 32.70 2.44 -25.96
CA LYS B 328 33.44 2.78 -24.73
C LYS B 328 32.59 3.65 -23.84
N TRP B 329 32.00 4.69 -24.42
CA TRP B 329 31.14 5.56 -23.66
C TRP B 329 29.95 4.80 -23.10
N LEU B 330 29.23 4.05 -23.95
CA LEU B 330 28.05 3.29 -23.46
C LEU B 330 28.39 2.40 -22.25
N VAL B 331 29.49 1.67 -22.35
CA VAL B 331 29.93 0.78 -21.30
C VAL B 331 30.21 1.53 -20.02
N SER B 332 30.77 2.73 -20.13
CA SER B 332 31.13 3.56 -18.97
C SER B 332 29.87 4.15 -18.35
N LYS B 333 28.77 4.13 -19.09
CA LYS B 333 27.47 4.52 -18.57
C LYS B 333 26.74 3.34 -17.90
N GLY B 334 27.30 2.14 -17.98
CA GLY B 334 26.69 0.94 -17.43
C GLY B 334 26.16 -0.08 -18.42
N ALA B 335 26.48 0.04 -19.71
CA ALA B 335 25.94 -0.89 -20.71
C ALA B 335 26.63 -2.23 -20.61
N ASN B 336 26.03 -3.22 -21.26
CA ASN B 336 26.56 -4.57 -21.21
C ASN B 336 27.28 -4.91 -22.48
N ILE B 337 28.60 -5.00 -22.40
CA ILE B 337 29.47 -5.26 -23.54
C ILE B 337 29.18 -6.62 -24.19
N ASN B 338 28.55 -7.51 -23.42
CA ASN B 338 28.11 -8.80 -23.89
C ASN B 338 26.61 -8.96 -24.06
N ASP B 339 25.93 -7.85 -24.31
CA ASP B 339 24.49 -7.89 -24.51
C ASP B 339 24.12 -8.85 -25.64
N ARG B 340 22.86 -9.29 -25.64
CA ARG B 340 22.34 -10.23 -26.66
C ARG B 340 21.02 -9.80 -27.20
N ASN B 341 20.72 -10.24 -28.40
CA ASN B 341 19.38 -10.04 -28.90
C ASN B 341 18.50 -11.23 -28.55
N TYR B 342 17.29 -11.33 -29.15
CA TYR B 342 16.34 -12.40 -28.74
C TYR B 342 16.62 -13.74 -29.41
N LYS B 343 17.68 -13.79 -30.21
CA LYS B 343 18.26 -15.05 -30.69
C LYS B 343 19.50 -15.43 -29.89
N GLY B 344 19.91 -14.65 -28.91
CA GLY B 344 21.16 -14.92 -28.21
C GLY B 344 22.42 -14.47 -28.94
N THR B 345 22.24 -13.77 -30.05
CA THR B 345 23.38 -13.22 -30.80
C THR B 345 24.06 -12.14 -29.95
N THR B 346 25.34 -12.34 -29.64
CA THR B 346 26.10 -11.43 -28.76
C THR B 346 26.74 -10.25 -29.49
N VAL B 347 27.16 -9.27 -28.70
CA VAL B 347 27.88 -8.12 -29.23
C VAL B 347 29.06 -8.55 -30.08
N ALA B 348 29.85 -9.51 -29.58
CA ALA B 348 30.99 -10.04 -30.35
C ALA B 348 30.60 -10.57 -31.72
N MET B 349 29.44 -11.21 -31.84
CA MET B 349 28.97 -11.68 -33.16
C MET B 349 28.65 -10.58 -34.18
N TYR B 350 28.06 -9.50 -33.70
CA TYR B 350 27.80 -8.31 -34.48
C TYR B 350 29.10 -7.60 -34.90
N PHE B 351 30.02 -7.44 -33.95
CA PHE B 351 31.35 -6.90 -34.24
C PHE B 351 32.11 -7.75 -35.26
N LYS B 352 32.00 -9.07 -35.11
CA LYS B 352 32.58 -9.96 -36.06
C LYS B 352 32.09 -9.61 -37.44
N ASP B 353 30.78 -9.45 -37.63
CA ASP B 353 30.28 -8.95 -38.94
C ASP B 353 30.90 -7.62 -39.42
N TYR B 354 31.11 -6.69 -38.48
CA TYR B 354 31.73 -5.45 -38.82
C TYR B 354 33.17 -5.70 -39.29
N MET B 355 33.90 -6.55 -38.58
CA MET B 355 35.27 -6.87 -38.99
C MET B 355 35.38 -7.49 -40.41
N LEU B 356 34.43 -8.36 -40.74
CA LEU B 356 34.26 -8.90 -42.06
C LEU B 356 33.93 -7.87 -43.11
N LYS B 357 32.96 -6.99 -42.83
CA LYS B 357 32.66 -5.95 -43.79
C LYS B 357 33.85 -4.97 -43.96
N SER B 358 34.55 -4.62 -42.89
CA SER B 358 35.51 -3.56 -42.97
C SER B 358 36.82 -4.13 -43.40
N GLY B 359 37.14 -5.35 -42.99
CA GLY B 359 38.52 -5.81 -43.09
C GLY B 359 39.41 -5.19 -42.02
N ASP B 360 38.84 -4.37 -41.16
CA ASP B 360 39.61 -3.73 -40.09
C ASP B 360 39.35 -4.42 -38.73
N TYR B 361 40.35 -5.17 -38.29
CA TYR B 361 40.24 -5.99 -37.10
C TYR B 361 40.76 -5.33 -35.81
N SER B 362 41.41 -4.18 -35.90
CA SER B 362 42.20 -3.67 -34.78
C SER B 362 41.40 -3.30 -33.52
N GLY B 363 40.15 -2.92 -33.67
CA GLY B 363 39.33 -2.61 -32.52
C GLY B 363 38.92 -3.76 -31.60
N LEU B 364 39.23 -5.01 -31.96
CA LEU B 364 38.85 -6.14 -31.14
C LEU B 364 39.48 -6.09 -29.76
N LYS B 365 40.78 -5.77 -29.67
CA LYS B 365 41.42 -5.65 -28.35
C LYS B 365 40.72 -4.65 -27.41
N MET B 366 40.25 -3.55 -27.96
CA MET B 366 39.58 -2.51 -27.17
C MET B 366 38.29 -3.04 -26.52
N LEU B 367 37.46 -3.70 -27.33
CA LEU B 367 36.27 -4.37 -26.83
C LEU B 367 36.64 -5.49 -25.86
N ILE B 368 37.67 -6.27 -26.15
CA ILE B 368 38.12 -7.30 -25.21
C ILE B 368 38.48 -6.67 -23.87
N ASP B 369 39.25 -5.58 -23.90
CA ASP B 369 39.61 -4.88 -22.68
C ASP B 369 38.41 -4.27 -21.93
N LEU B 370 37.35 -3.95 -22.67
CA LEU B 370 36.05 -3.52 -22.12
C LEU B 370 35.22 -4.65 -21.53
N GLY B 371 35.70 -5.88 -21.68
CA GLY B 371 35.07 -7.04 -21.17
C GLY B 371 34.43 -7.97 -22.19
N LEU B 372 34.65 -7.76 -23.50
CA LEU B 372 34.06 -8.68 -24.53
C LEU B 372 34.51 -10.14 -24.28
N ASP B 373 33.52 -11.02 -24.26
CA ASP B 373 33.66 -12.47 -24.08
C ASP B 373 33.25 -13.22 -25.36
N LEU B 374 34.26 -13.85 -25.96
CA LEU B 374 34.12 -14.53 -27.27
C LEU B 374 33.68 -15.97 -27.16
N THR B 375 33.78 -16.57 -25.97
CA THR B 375 33.36 -17.96 -25.76
C THR B 375 31.86 -18.12 -25.63
N LEU B 376 31.13 -17.01 -25.48
CA LEU B 376 29.67 -17.09 -25.31
C LEU B 376 29.01 -17.70 -26.51
N THR B 377 27.87 -18.34 -26.28
CA THR B 377 27.13 -19.09 -27.26
C THR B 377 25.72 -18.50 -27.50
N ASP B 378 25.17 -18.63 -28.70
CA ASP B 378 23.85 -18.07 -28.94
C ASP B 378 22.82 -19.18 -28.65
N TYR B 379 21.59 -19.07 -29.14
CA TYR B 379 20.56 -20.06 -28.75
C TYR B 379 20.51 -21.25 -29.68
N LYS B 380 21.12 -21.12 -30.86
CA LYS B 380 21.48 -22.29 -31.68
C LYS B 380 22.76 -22.96 -31.20
N ASP B 381 23.35 -22.43 -30.13
CA ASP B 381 24.49 -23.01 -29.44
C ASP B 381 25.85 -22.78 -30.11
N TYR B 382 25.93 -21.83 -31.02
CA TYR B 382 27.17 -21.55 -31.76
C TYR B 382 27.88 -20.38 -31.09
N THR B 383 29.20 -20.48 -31.02
CA THR B 383 30.06 -19.33 -30.78
C THR B 383 30.31 -18.59 -32.06
N VAL B 384 30.91 -17.41 -31.90
CA VAL B 384 31.42 -16.62 -33.02
C VAL B 384 32.46 -17.43 -33.84
N PHE B 385 33.29 -18.23 -33.18
CA PHE B 385 34.28 -19.05 -33.86
C PHE B 385 33.64 -20.11 -34.74
N ASP B 386 32.58 -20.74 -34.24
CA ASP B 386 31.83 -21.66 -35.08
C ASP B 386 31.27 -21.03 -36.35
N TYR B 387 30.75 -19.82 -36.26
CA TYR B 387 30.19 -19.20 -37.46
C TYR B 387 31.28 -18.85 -38.47
N LEU B 388 32.46 -18.47 -37.98
CA LEU B 388 33.61 -18.19 -38.83
C LEU B 388 34.11 -19.44 -39.59
N GLU B 389 34.40 -20.52 -38.88
CA GLU B 389 34.37 -21.89 -39.44
C GLU B 389 33.35 -22.13 -40.55
N LYS B 390 32.06 -22.11 -40.24
CA LYS B 390 31.07 -22.46 -41.25
C LYS B 390 31.15 -21.58 -42.50
N SER B 391 31.51 -20.31 -42.34
CA SER B 391 31.60 -19.39 -43.45
C SER B 391 32.97 -19.46 -44.11
N GLY B 392 33.91 -20.24 -43.60
CA GLY B 392 35.24 -20.35 -44.18
C GLY B 392 36.08 -19.08 -44.11
N ASN B 393 35.76 -18.17 -43.21
CA ASN B 393 36.59 -16.99 -42.96
C ASN B 393 37.75 -17.34 -42.05
N LYS B 394 38.74 -18.01 -42.62
CA LYS B 394 39.80 -18.60 -41.79
C LYS B 394 40.74 -17.54 -41.25
N ASN B 395 40.89 -16.46 -41.98
CA ASN B 395 41.81 -15.44 -41.55
C ASN B 395 41.33 -14.74 -40.29
N LEU B 396 40.08 -14.28 -40.30
CA LEU B 396 39.51 -13.62 -39.12
C LEU B 396 39.42 -14.60 -37.95
N LEU B 397 39.09 -15.85 -38.24
CA LEU B 397 39.05 -16.85 -37.17
C LEU B 397 40.42 -16.94 -36.50
N GLN B 398 41.48 -17.03 -37.30
CA GLN B 398 42.83 -17.11 -36.74
C GLN B 398 43.19 -15.86 -35.91
N TYR B 399 42.84 -14.69 -36.43
CA TYR B 399 43.05 -13.46 -35.70
C TYR B 399 42.33 -13.46 -34.36
N MET B 400 41.09 -13.92 -34.34
CA MET B 400 40.30 -13.83 -33.09
C MET B 400 40.78 -14.88 -32.11
N MET B 401 41.10 -16.06 -32.64
CA MET B 401 41.67 -17.15 -31.85
C MET B 401 42.94 -16.74 -31.14
N ALA B 402 43.77 -15.92 -31.75
CA ALA B 402 44.98 -15.41 -31.09
C ALA B 402 44.76 -14.82 -29.70
N PHE B 403 43.54 -14.33 -29.46
CA PHE B 403 43.18 -13.79 -28.16
C PHE B 403 42.85 -14.83 -27.08
N MET B 404 42.72 -16.10 -27.43
CA MET B 404 42.29 -17.09 -26.43
C MET B 404 43.41 -17.71 -25.56
N LYS B 405 43.30 -17.50 -24.25
CA LYS B 405 44.15 -18.13 -23.22
C LYS B 405 43.55 -19.47 -22.87
#